data_9I2L
#
_entry.id   9I2L
#
_cell.length_a   83.746
_cell.length_b   97.98
_cell.length_c   70.472
_cell.angle_alpha   90
_cell.angle_beta   90
_cell.angle_gamma   90
#
_symmetry.space_group_name_H-M   'P 21 21 2'
#
loop_
_entity.id
_entity.type
_entity.pdbx_description
1 polymer 'DUF4465 domain-containing protein'
2 non-polymer CYANOCOBALAMIN
3 non-polymer 'CALCIUM ION'
4 water water
#
_entity_poly.entity_id   1
_entity_poly.type   'polypeptide(L)'
_entity_poly.pdbx_seq_one_letter_code
;MKRKLRFLAGACLFTATALFSGCSSDDDFLMDPVDSGTSQTRAVTNPDGTLTITFDDFDPGMLAGPTSAGENLYSYQGYP
QVTTIYDNTPEEYLFLSMFNTVGGSTEYSSGGIALSNWNIRSNQSGNTGDWWYSYLNQCSVYNTAVEAEGQNKEAGHSGS
NFGVVYGYVDAYNQAWMAKPEFYFNVPRKLVGLWICNTSYTYGVITYGNQFGSTGVATPLKEMKGYFQVNLECYDVNGGL
IRTYKRLLADYRNGQQQVDPITTWDYWEINAEGVQSVKFNFEGSDSGAYGLNTPAYICIDDITIQ
;
_entity_poly.pdbx_strand_id   B,A
#
loop_
_chem_comp.id
_chem_comp.type
_chem_comp.name
_chem_comp.formula
CA non-polymer 'CALCIUM ION' 'Ca 2'
CNC non-polymer CYANOCOBALAMIN 'C63 H89 Co N14 O14 P 2'
#
# COMPACT_ATOMS: atom_id res chain seq x y z
N THR A 50 22.54 14.31 -5.43
CA THR A 50 21.22 14.50 -6.11
C THR A 50 21.04 13.56 -7.31
N LEU A 51 19.82 13.00 -7.44
CA LEU A 51 19.34 12.27 -8.61
C LEU A 51 18.10 12.98 -9.15
N THR A 52 17.80 12.73 -10.42
CA THR A 52 16.58 13.18 -11.04
C THR A 52 15.94 12.01 -11.77
N ILE A 53 14.67 11.77 -11.49
CA ILE A 53 13.87 10.83 -12.26
C ILE A 53 13.26 11.56 -13.45
N THR A 54 13.74 11.23 -14.67
CA THR A 54 13.41 12.00 -15.85
C THR A 54 12.35 11.30 -16.69
N PHE A 55 12.09 10.01 -16.39
CA PHE A 55 11.23 9.12 -17.15
C PHE A 55 11.79 8.71 -18.51
N ASP A 56 12.85 9.36 -19.02
CA ASP A 56 13.25 9.25 -20.42
C ASP A 56 13.99 7.94 -20.69
N ASP A 57 14.48 7.32 -19.63
CA ASP A 57 15.21 6.08 -19.68
C ASP A 57 14.37 4.86 -19.31
N PHE A 58 13.05 4.99 -19.08
CA PHE A 58 12.21 3.85 -18.70
C PHE A 58 12.04 2.96 -19.93
N ASP A 59 11.74 1.68 -19.69
CA ASP A 59 11.44 0.75 -20.80
C ASP A 59 10.36 1.28 -21.76
N PRO A 60 10.65 1.41 -23.06
CA PRO A 60 9.62 1.80 -24.03
C PRO A 60 8.31 0.98 -24.00
N GLY A 61 8.40 -0.32 -23.68
CA GLY A 61 7.25 -1.20 -23.55
C GLY A 61 6.18 -0.67 -22.60
N MET A 62 6.58 0.22 -21.67
CA MET A 62 5.72 0.90 -20.71
C MET A 62 4.96 2.12 -21.24
N LEU A 63 5.25 2.56 -22.47
CA LEU A 63 4.71 3.79 -23.01
C LEU A 63 3.25 3.56 -23.33
N ALA A 64 2.47 4.59 -22.99
CA ALA A 64 1.04 4.51 -23.15
C ALA A 64 0.67 4.28 -24.61
N GLY A 65 -0.38 3.41 -24.72
CA GLY A 65 -1.11 2.73 -25.81
C GLY A 65 -0.77 3.15 -27.20
N PRO A 66 -1.25 2.43 -28.22
CA PRO A 66 -0.87 2.72 -29.60
C PRO A 66 -1.05 4.21 -29.91
N THR A 67 -2.24 4.77 -29.54
CA THR A 67 -2.57 6.19 -29.70
C THR A 67 -2.50 6.93 -28.35
N SER A 68 -2.85 8.22 -28.38
CA SER A 68 -2.85 9.05 -27.18
C SER A 68 -4.04 8.79 -26.27
N ALA A 69 -4.99 7.96 -26.69
CA ALA A 69 -5.98 7.39 -25.76
C ALA A 69 -5.37 6.42 -24.73
N GLY A 70 -4.14 5.89 -24.97
CA GLY A 70 -3.48 4.97 -24.03
C GLY A 70 -4.31 3.68 -23.85
N GLU A 71 -4.63 3.03 -24.99
CA GLU A 71 -5.43 1.82 -25.05
C GLU A 71 -4.81 0.67 -24.26
N ASN A 72 -3.48 0.65 -24.11
CA ASN A 72 -2.81 -0.38 -23.29
C ASN A 72 -2.76 -0.06 -21.79
N LEU A 73 -3.49 0.96 -21.32
CA LEU A 73 -3.65 1.21 -19.90
C LEU A 73 -4.85 0.47 -19.31
N TYR A 74 -5.50 -0.37 -20.13
CA TYR A 74 -6.75 -1.03 -19.77
C TYR A 74 -6.64 -2.50 -20.16
N SER A 75 -7.35 -3.34 -19.39
CA SER A 75 -7.31 -4.78 -19.58
C SER A 75 -8.00 -5.17 -20.87
N TYR A 76 -8.97 -4.39 -21.35
CA TYR A 76 -10.02 -4.95 -22.19
C TYR A 76 -9.91 -4.44 -23.63
N GLN A 77 -8.83 -3.77 -24.01
CA GLN A 77 -8.79 -3.16 -25.32
C GLN A 77 -7.83 -3.86 -26.25
N GLY A 78 -7.35 -5.06 -25.90
CA GLY A 78 -6.58 -5.90 -26.81
C GLY A 78 -5.08 -5.65 -26.83
N TYR A 79 -4.51 -4.92 -25.86
CA TYR A 79 -3.08 -4.62 -25.85
C TYR A 79 -2.46 -5.08 -24.54
N PRO A 80 -1.18 -5.54 -24.54
CA PRO A 80 -0.50 -5.79 -23.28
C PRO A 80 -0.60 -4.56 -22.38
N GLN A 81 -1.29 -4.77 -21.24
CA GLN A 81 -1.68 -3.72 -20.35
C GLN A 81 -0.57 -3.44 -19.35
N VAL A 82 -0.19 -2.13 -19.33
CA VAL A 82 0.83 -1.54 -18.50
C VAL A 82 0.20 -1.04 -17.21
N THR A 83 0.23 -1.94 -16.23
CA THR A 83 -0.20 -1.64 -14.88
C THR A 83 0.92 -0.97 -14.10
N THR A 84 2.20 -1.23 -14.47
CA THR A 84 3.33 -0.94 -13.58
C THR A 84 4.44 -0.20 -14.33
N ILE A 85 4.84 1.00 -13.86
CA ILE A 85 6.04 1.67 -14.37
C ILE A 85 7.12 1.79 -13.30
N TYR A 86 8.39 1.87 -13.76
CA TYR A 86 9.54 1.91 -12.88
C TYR A 86 10.78 2.16 -13.72
N ASP A 87 11.92 2.48 -13.06
CA ASP A 87 13.06 2.99 -13.82
C ASP A 87 14.00 1.87 -14.23
N ASN A 88 14.34 0.93 -13.34
CA ASN A 88 15.35 -0.03 -13.76
C ASN A 88 14.77 -1.44 -13.91
N THR A 89 14.72 -2.27 -12.83
CA THR A 89 13.93 -3.51 -12.80
C THR A 89 13.04 -3.49 -11.56
N PRO A 90 12.05 -4.38 -11.37
CA PRO A 90 11.31 -4.46 -10.11
C PRO A 90 12.17 -4.65 -8.87
N GLU A 91 13.36 -5.28 -9.04
CA GLU A 91 14.30 -5.59 -7.96
C GLU A 91 14.99 -4.31 -7.53
N GLU A 92 15.73 -3.63 -8.44
CA GLU A 92 16.43 -2.41 -8.11
C GLU A 92 15.82 -1.28 -8.94
N TYR A 93 15.01 -0.44 -8.30
CA TYR A 93 14.41 0.74 -8.92
C TYR A 93 14.64 1.95 -8.02
N LEU A 94 14.57 3.13 -8.63
CA LEU A 94 14.57 4.38 -7.86
C LEU A 94 13.15 4.84 -7.54
N PHE A 95 12.23 4.58 -8.50
CA PHE A 95 10.82 4.94 -8.54
C PHE A 95 9.97 3.79 -9.07
N LEU A 96 8.72 3.72 -8.61
CA LEU A 96 7.81 2.66 -9.00
C LEU A 96 6.39 3.09 -8.68
N SER A 97 5.51 3.10 -9.70
CA SER A 97 4.08 3.23 -9.47
C SER A 97 3.38 2.00 -10.02
N MET A 98 2.32 1.58 -9.29
CA MET A 98 1.39 0.60 -9.81
C MET A 98 -0.05 1.12 -9.78
N PHE A 99 -0.83 0.74 -10.79
CA PHE A 99 -2.25 1.01 -10.81
C PHE A 99 -2.92 0.38 -9.62
N ASN A 100 -3.88 1.12 -9.03
CA ASN A 100 -4.73 0.60 -7.99
C ASN A 100 -5.70 -0.44 -8.59
N THR A 101 -6.29 -1.23 -7.68
CA THR A 101 -7.37 -2.14 -8.01
C THR A 101 -8.63 -1.68 -7.31
N VAL A 102 -9.72 -1.47 -8.05
CA VAL A 102 -10.95 -0.94 -7.46
C VAL A 102 -12.07 -1.88 -7.89
N GLY A 103 -12.88 -2.31 -6.89
CA GLY A 103 -13.83 -3.40 -7.02
C GLY A 103 -13.30 -4.52 -7.90
N GLY A 104 -12.06 -4.95 -7.66
CA GLY A 104 -11.55 -6.15 -8.32
C GLY A 104 -11.13 -5.94 -9.78
N SER A 105 -10.86 -4.67 -10.15
CA SER A 105 -10.61 -4.29 -11.55
C SER A 105 -9.40 -3.34 -11.60
N THR A 106 -8.37 -3.69 -12.40
CA THR A 106 -7.05 -3.03 -12.32
C THR A 106 -6.87 -2.17 -13.58
N GLU A 107 -7.06 -0.86 -13.47
CA GLU A 107 -7.18 -0.04 -14.68
C GLU A 107 -6.67 1.35 -14.36
N TYR A 108 -6.25 2.05 -15.42
CA TYR A 108 -5.91 3.46 -15.26
C TYR A 108 -6.99 4.25 -14.50
N SER A 109 -8.28 3.89 -14.59
CA SER A 109 -9.39 4.59 -13.94
C SER A 109 -9.42 4.34 -12.42
N SER A 110 -8.81 3.23 -12.00
CA SER A 110 -8.66 2.90 -10.59
C SER A 110 -7.61 3.82 -9.93
N GLY A 111 -6.94 4.66 -10.72
CA GLY A 111 -6.00 5.61 -10.19
C GLY A 111 -4.59 5.05 -10.30
N GLY A 112 -3.68 5.84 -10.86
CA GLY A 112 -2.30 5.44 -11.06
C GLY A 112 -1.54 6.44 -11.92
N ILE A 113 -0.41 5.97 -12.46
CA ILE A 113 0.49 6.83 -13.20
C ILE A 113 0.97 6.03 -14.39
N ALA A 114 0.74 6.64 -15.57
CA ALA A 114 1.12 6.16 -16.87
C ALA A 114 2.39 6.88 -17.31
N LEU A 115 3.22 6.22 -18.14
CA LEU A 115 4.35 6.84 -18.83
C LEU A 115 3.86 7.23 -20.22
N SER A 116 4.17 8.48 -20.62
CA SER A 116 3.71 9.08 -21.87
C SER A 116 4.86 9.78 -22.60
N ASN A 117 4.78 9.84 -23.93
CA ASN A 117 5.57 10.77 -24.72
C ASN A 117 4.72 11.56 -25.71
N TRP A 118 3.46 11.76 -25.34
CA TRP A 118 2.47 12.41 -26.20
C TRP A 118 2.39 13.87 -25.86
N ASN A 119 2.19 14.75 -26.86
CA ASN A 119 1.96 16.17 -26.67
C ASN A 119 0.99 16.73 -27.71
N ILE A 120 -0.04 15.99 -28.12
CA ILE A 120 -1.11 16.51 -28.96
C ILE A 120 -2.00 17.38 -28.11
N ARG A 121 -2.26 18.57 -28.62
CA ARG A 121 -3.12 19.56 -27.98
C ARG A 121 -4.01 20.21 -29.04
N SER A 122 -4.36 19.45 -30.08
CA SER A 122 -5.19 20.01 -31.12
C SER A 122 -5.74 18.85 -31.94
N ASN A 123 -6.91 19.12 -32.52
CA ASN A 123 -7.63 18.13 -33.28
C ASN A 123 -6.73 17.73 -34.45
N GLN A 124 -6.22 16.50 -34.43
CA GLN A 124 -5.54 15.95 -35.59
C GLN A 124 -6.57 15.66 -36.68
N SER A 125 -6.04 15.63 -37.91
CA SER A 125 -6.71 15.16 -39.10
C SER A 125 -7.75 14.06 -38.78
N GLY A 126 -9.04 14.38 -38.93
CA GLY A 126 -10.11 13.41 -38.72
C GLY A 126 -10.89 13.66 -37.43
N ASN A 127 -10.25 14.25 -36.41
CA ASN A 127 -10.91 14.58 -35.15
C ASN A 127 -11.64 15.92 -35.24
N THR A 128 -12.76 16.02 -34.51
CA THR A 128 -13.58 17.22 -34.48
C THR A 128 -13.97 17.51 -33.04
N GLY A 129 -14.81 18.54 -32.84
CA GLY A 129 -15.44 18.82 -31.56
C GLY A 129 -14.34 19.05 -30.52
N ASP A 130 -14.57 18.44 -29.35
CA ASP A 130 -13.71 18.61 -28.18
C ASP A 130 -12.57 17.57 -28.11
N TRP A 131 -12.32 16.80 -29.19
CA TRP A 131 -11.49 15.60 -29.13
C TRP A 131 -10.17 15.81 -28.37
N TRP A 132 -9.47 16.91 -28.65
CA TRP A 132 -8.14 17.12 -28.13
C TRP A 132 -8.12 17.34 -26.63
N TYR A 133 -9.25 17.79 -26.07
CA TYR A 133 -9.41 17.79 -24.62
C TYR A 133 -10.51 16.81 -24.20
N SER A 134 -10.46 15.57 -24.75
CA SER A 134 -11.21 14.41 -24.34
C SER A 134 -10.28 13.30 -23.80
N TYR A 135 -10.90 12.32 -23.14
CA TYR A 135 -10.20 11.13 -22.67
C TYR A 135 -9.54 10.31 -23.79
N LEU A 136 -9.94 10.52 -25.04
CA LEU A 136 -9.27 9.91 -26.17
C LEU A 136 -7.95 10.61 -26.51
N ASN A 137 -7.62 11.72 -25.82
CA ASN A 137 -6.28 12.29 -25.86
C ASN A 137 -5.76 12.46 -24.44
N GLN A 138 -6.16 11.58 -23.52
CA GLN A 138 -5.84 11.77 -22.11
C GLN A 138 -4.32 11.82 -21.89
N CYS A 139 -3.55 11.12 -22.73
CA CYS A 139 -2.14 10.91 -22.43
C CYS A 139 -1.28 12.14 -22.75
N SER A 140 -1.80 13.06 -23.59
CA SER A 140 -1.05 14.20 -24.04
C SER A 140 -0.83 15.21 -22.93
N VAL A 141 0.43 15.67 -22.84
CA VAL A 141 0.78 16.86 -22.09
C VAL A 141 0.34 18.08 -22.93
N TYR A 142 -0.18 19.12 -22.24
CA TYR A 142 -0.43 20.43 -22.84
C TYR A 142 0.84 21.27 -22.72
N ASN A 143 1.67 21.38 -23.80
CA ASN A 143 2.92 22.14 -23.77
C ASN A 143 3.11 23.03 -25.02
N THR A 144 2.77 24.31 -24.81
CA THR A 144 2.78 25.32 -25.87
C THR A 144 4.19 25.78 -26.15
N ALA A 145 5.21 25.33 -25.40
CA ALA A 145 6.57 25.74 -25.69
C ALA A 145 7.19 24.93 -26.84
N VAL A 146 6.39 24.15 -27.58
CA VAL A 146 6.88 23.04 -28.42
C VAL A 146 5.90 22.89 -29.59
N GLU A 147 6.43 23.15 -30.78
CA GLU A 147 5.60 23.52 -31.92
C GLU A 147 4.98 22.23 -32.50
N ALA A 148 5.81 21.20 -32.75
CA ALA A 148 5.30 19.95 -33.32
C ALA A 148 4.66 19.07 -32.24
N GLU A 149 3.69 18.24 -32.66
CA GLU A 149 2.75 17.60 -31.78
C GLU A 149 2.57 16.12 -32.15
N GLY A 150 2.70 15.26 -31.15
CA GLY A 150 2.48 13.86 -31.40
C GLY A 150 3.33 13.14 -30.39
N GLN A 151 4.10 12.19 -30.90
CA GLN A 151 4.83 11.24 -30.09
C GLN A 151 6.34 11.51 -30.09
N ASN A 152 7.04 11.27 -28.99
CA ASN A 152 8.40 11.76 -28.75
C ASN A 152 8.69 13.05 -29.55
N LYS A 153 8.06 14.15 -29.17
CA LYS A 153 8.42 15.43 -29.74
C LYS A 153 9.13 16.30 -28.69
N GLU A 154 9.97 15.69 -27.85
CA GLU A 154 10.83 16.44 -26.92
C GLU A 154 10.00 17.41 -26.07
N ALA A 155 8.84 16.97 -25.56
CA ALA A 155 7.86 17.87 -24.95
C ALA A 155 7.82 17.75 -23.45
N GLY A 156 8.73 16.93 -22.85
CA GLY A 156 8.80 16.81 -21.40
C GLY A 156 9.53 18.03 -20.89
N HIS A 157 9.60 18.24 -19.58
CA HIS A 157 10.60 19.13 -19.04
C HIS A 157 11.96 18.54 -19.23
N SER A 158 12.09 17.19 -19.21
CA SER A 158 13.30 16.51 -19.70
C SER A 158 13.05 16.19 -21.16
N GLY A 159 13.05 14.96 -21.63
CA GLY A 159 13.24 14.74 -23.05
C GLY A 159 11.85 14.65 -23.66
N SER A 160 11.49 13.44 -24.11
CA SER A 160 10.15 13.16 -24.57
C SER A 160 9.22 12.63 -23.49
N ASN A 161 9.75 12.03 -22.38
CA ASN A 161 8.95 11.20 -21.49
C ASN A 161 8.55 11.96 -20.24
N PHE A 162 7.41 11.56 -19.67
CA PHE A 162 6.91 12.10 -18.40
C PHE A 162 5.80 11.18 -17.90
N GLY A 163 5.45 11.33 -16.62
CA GLY A 163 4.38 10.56 -15.99
C GLY A 163 3.02 11.29 -16.13
N VAL A 164 1.93 10.55 -16.34
CA VAL A 164 0.60 11.13 -16.33
C VAL A 164 -0.17 10.50 -15.15
N VAL A 165 -0.44 11.41 -14.20
CA VAL A 165 -1.14 11.06 -12.99
C VAL A 165 -2.63 11.17 -13.27
N TYR A 166 -3.36 10.12 -12.90
CA TYR A 166 -4.80 10.18 -12.87
C TYR A 166 -5.28 9.65 -11.51
N GLY A 167 -6.27 10.34 -10.94
CA GLY A 167 -7.12 9.83 -9.89
C GLY A 167 -7.26 10.85 -8.78
N TYR A 168 -8.34 10.68 -7.99
CA TYR A 168 -8.65 11.55 -6.88
C TYR A 168 -9.64 10.84 -5.95
N VAL A 169 -9.77 11.34 -4.72
CA VAL A 169 -10.78 10.81 -3.83
C VAL A 169 -11.51 11.96 -3.16
N ASP A 170 -12.85 11.88 -3.15
CA ASP A 170 -13.69 12.88 -2.50
C ASP A 170 -14.81 12.17 -1.75
N ALA A 171 -15.70 12.97 -1.14
CA ALA A 171 -16.85 12.41 -0.46
C ALA A 171 -17.66 11.41 -1.32
N TYR A 172 -17.81 11.65 -2.63
CA TYR A 172 -18.66 10.81 -3.45
C TYR A 172 -18.02 9.45 -3.72
N ASN A 173 -16.69 9.33 -4.00
CA ASN A 173 -16.09 8.04 -4.42
C ASN A 173 -15.18 7.40 -3.36
N GLN A 174 -15.08 8.03 -2.18
CA GLN A 174 -14.07 7.63 -1.20
C GLN A 174 -14.25 6.20 -0.69
N ALA A 175 -15.50 5.74 -0.57
CA ALA A 175 -15.81 4.38 -0.15
C ALA A 175 -15.15 3.29 -1.02
N TRP A 176 -14.90 3.51 -2.34
CA TRP A 176 -14.30 2.50 -3.23
C TRP A 176 -12.97 2.94 -3.86
N MET A 177 -12.80 4.23 -4.20
CA MET A 177 -11.66 4.68 -5.00
C MET A 177 -10.47 4.90 -4.07
N ALA A 178 -9.25 4.80 -4.64
CA ALA A 178 -8.00 5.10 -3.98
C ALA A 178 -7.16 6.02 -4.87
N LYS A 179 -6.27 6.76 -4.20
CA LYS A 179 -5.46 7.79 -4.78
C LYS A 179 -4.29 7.18 -5.58
N PRO A 180 -3.83 7.84 -6.67
CA PRO A 180 -2.62 7.42 -7.34
C PRO A 180 -1.40 7.58 -6.45
N GLU A 181 -0.46 6.63 -6.55
CA GLU A 181 0.66 6.60 -5.64
C GLU A 181 1.95 6.17 -6.33
N PHE A 182 3.08 6.72 -5.89
CA PHE A 182 4.37 6.14 -6.19
C PHE A 182 5.25 5.99 -4.94
N TYR A 183 6.37 5.28 -5.15
CA TYR A 183 7.28 4.84 -4.11
C TYR A 183 8.72 5.05 -4.56
N PHE A 184 9.55 5.46 -3.63
CA PHE A 184 10.99 5.31 -3.71
C PHE A 184 11.32 3.94 -3.14
N ASN A 185 12.49 3.42 -3.47
CA ASN A 185 12.93 2.13 -2.97
C ASN A 185 13.38 2.24 -1.51
N VAL A 186 13.78 3.45 -1.07
CA VAL A 186 14.17 3.70 0.31
C VAL A 186 13.80 5.16 0.57
N PRO A 187 13.79 5.62 1.84
CA PRO A 187 13.30 6.97 2.14
C PRO A 187 14.22 8.06 1.65
N ARG A 188 13.66 9.11 1.04
CA ARG A 188 14.44 10.10 0.28
C ARG A 188 14.07 11.52 0.67
N LYS A 189 15.03 12.43 0.47
CA LYS A 189 14.72 13.85 0.45
C LYS A 189 14.08 14.16 -0.91
N LEU A 190 12.83 14.61 -0.91
CA LEU A 190 12.14 14.97 -2.14
C LEU A 190 12.28 16.48 -2.32
N VAL A 191 13.18 16.89 -3.22
CA VAL A 191 13.59 18.28 -3.36
C VAL A 191 12.45 19.00 -4.05
N GLY A 192 12.01 18.44 -5.17
CA GLY A 192 10.92 19.03 -5.94
C GLY A 192 10.72 18.28 -7.24
N LEU A 193 9.84 18.83 -8.09
CA LEU A 193 9.49 18.21 -9.37
C LEU A 193 8.92 19.25 -10.29
N TRP A 194 8.92 18.96 -11.58
CA TRP A 194 8.23 19.80 -12.55
C TRP A 194 6.84 19.23 -12.81
N ILE A 195 5.88 20.11 -13.13
CA ILE A 195 4.53 19.75 -13.56
C ILE A 195 4.09 20.57 -14.75
N CYS A 196 2.99 20.09 -15.35
CA CYS A 196 2.39 20.64 -16.54
C CYS A 196 1.00 20.04 -16.64
N ASN A 197 0.03 20.76 -17.24
CA ASN A 197 -1.30 20.18 -17.37
C ASN A 197 -1.36 19.22 -18.55
N THR A 198 -2.37 18.33 -18.50
CA THR A 198 -2.73 17.51 -19.65
C THR A 198 -3.65 18.34 -20.54
N SER A 199 -3.65 18.04 -21.84
CA SER A 199 -4.51 18.71 -22.81
C SER A 199 -5.99 18.57 -22.42
N TYR A 200 -6.35 17.39 -21.91
CA TYR A 200 -7.70 17.07 -21.42
C TYR A 200 -8.09 18.05 -20.32
N THR A 201 -7.25 18.20 -19.31
CA THR A 201 -7.51 19.00 -18.12
C THR A 201 -7.50 20.48 -18.49
N TYR A 202 -6.46 20.91 -19.23
CA TYR A 202 -6.37 22.27 -19.71
C TYR A 202 -7.64 22.67 -20.48
N GLY A 203 -8.02 21.81 -21.42
CA GLY A 203 -9.14 22.08 -22.26
C GLY A 203 -10.45 22.28 -21.49
N VAL A 204 -10.70 21.40 -20.49
CA VAL A 204 -12.00 21.30 -19.81
C VAL A 204 -12.15 22.42 -18.78
N ILE A 205 -11.01 22.80 -18.16
CA ILE A 205 -10.91 24.03 -17.39
C ILE A 205 -11.32 25.20 -18.29
N THR A 206 -10.74 25.28 -19.49
CA THR A 206 -10.90 26.44 -20.35
C THR A 206 -12.31 26.46 -20.99
N TYR A 207 -12.87 25.34 -21.44
CA TYR A 207 -14.09 25.31 -22.24
C TYR A 207 -15.24 24.51 -21.62
N GLY A 208 -14.96 23.67 -20.62
CA GLY A 208 -15.93 22.70 -20.16
C GLY A 208 -16.18 21.61 -21.21
N ASN A 209 -17.11 20.71 -20.86
CA ASN A 209 -17.47 19.56 -21.67
C ASN A 209 -18.71 18.91 -21.07
N GLN A 210 -19.21 17.92 -21.79
CA GLN A 210 -20.14 16.96 -21.27
C GLN A 210 -19.48 15.59 -21.25
N PHE A 211 -20.00 14.68 -20.42
CA PHE A 211 -19.51 13.31 -20.37
C PHE A 211 -20.66 12.45 -19.88
N GLY A 212 -20.86 11.32 -20.58
CA GLY A 212 -21.99 10.45 -20.30
C GLY A 212 -23.31 11.22 -20.49
N SER A 213 -24.38 10.69 -19.90
CA SER A 213 -25.71 11.17 -20.19
C SER A 213 -25.90 12.61 -19.65
N THR A 214 -25.51 12.85 -18.39
CA THR A 214 -25.80 14.11 -17.73
C THR A 214 -24.54 14.88 -17.36
N GLY A 215 -23.36 14.26 -17.36
CA GLY A 215 -22.20 14.91 -16.75
C GLY A 215 -21.86 16.19 -17.48
N VAL A 216 -21.66 17.28 -16.72
CA VAL A 216 -21.28 18.61 -17.18
C VAL A 216 -20.06 19.04 -16.39
N ALA A 217 -19.06 19.58 -17.11
CA ALA A 217 -17.93 20.30 -16.49
C ALA A 217 -18.04 21.75 -16.95
N THR A 218 -17.98 22.70 -16.02
CA THR A 218 -18.21 24.10 -16.33
C THR A 218 -16.86 24.81 -16.40
N PRO A 219 -16.68 25.73 -17.37
CA PRO A 219 -15.46 26.53 -17.40
C PRO A 219 -15.22 27.29 -16.08
N LEU A 220 -14.01 27.23 -15.56
CA LEU A 220 -13.77 27.73 -14.20
C LEU A 220 -13.84 29.26 -14.10
N LYS A 221 -13.52 29.99 -15.18
CA LYS A 221 -13.71 31.45 -15.26
C LYS A 221 -15.15 31.88 -14.97
N GLU A 222 -16.11 31.08 -15.46
CA GLU A 222 -17.54 31.39 -15.47
C GLU A 222 -18.20 31.24 -14.11
N MET A 223 -17.86 30.13 -13.44
CA MET A 223 -18.43 29.76 -12.16
C MET A 223 -17.44 30.12 -11.06
N LYS A 224 -16.45 30.98 -11.31
CA LYS A 224 -15.59 31.48 -10.23
C LYS A 224 -14.97 30.30 -9.48
N GLY A 225 -14.47 29.32 -10.26
CA GLY A 225 -14.05 28.01 -9.80
C GLY A 225 -12.56 27.98 -9.44
N TYR A 226 -12.18 26.95 -8.69
CA TYR A 226 -10.77 26.64 -8.47
C TYR A 226 -10.54 25.15 -8.72
N PHE A 227 -9.25 24.83 -8.96
CA PHE A 227 -8.82 23.46 -9.04
C PHE A 227 -7.40 23.42 -8.48
N GLN A 228 -7.11 22.36 -7.72
CA GLN A 228 -5.89 22.23 -6.92
C GLN A 228 -5.39 20.79 -6.96
N VAL A 229 -4.06 20.64 -7.07
CA VAL A 229 -3.45 19.34 -6.86
C VAL A 229 -2.66 19.32 -5.54
N ASN A 230 -2.71 18.13 -4.89
CA ASN A 230 -2.11 17.85 -3.60
C ASN A 230 -1.07 16.75 -3.79
N LEU A 231 0.11 16.99 -3.20
CA LEU A 231 1.19 16.01 -3.14
C LEU A 231 1.37 15.63 -1.68
N GLU A 232 1.03 14.40 -1.34
CA GLU A 232 1.10 13.88 0.02
C GLU A 232 2.33 12.97 0.20
N CYS A 233 3.26 13.36 1.08
CA CYS A 233 4.43 12.57 1.38
C CYS A 233 4.21 11.70 2.62
N TYR A 234 4.62 10.42 2.54
CA TYR A 234 4.53 9.44 3.61
C TYR A 234 5.92 8.92 4.01
N ASP A 235 6.08 8.53 5.29
CA ASP A 235 7.37 8.15 5.86
C ASP A 235 7.63 6.66 5.68
N VAL A 236 8.70 6.17 6.31
CA VAL A 236 9.11 4.77 6.21
C VAL A 236 8.07 3.80 6.81
N ASN A 237 7.29 4.28 7.78
CA ASN A 237 6.23 3.51 8.41
C ASN A 237 4.85 3.85 7.89
N GLY A 238 4.79 4.56 6.74
CA GLY A 238 3.54 4.96 6.13
C GLY A 238 2.83 6.07 6.89
N GLY A 239 3.55 6.85 7.72
CA GLY A 239 2.97 8.00 8.40
C GLY A 239 2.95 9.19 7.45
N LEU A 240 1.89 10.01 7.52
CA LEU A 240 1.81 11.25 6.77
C LEU A 240 2.84 12.24 7.31
N ILE A 241 3.75 12.69 6.46
CA ILE A 241 4.74 13.69 6.83
C ILE A 241 4.09 15.07 6.68
N ARG A 242 3.46 15.33 5.51
CA ARG A 242 2.92 16.61 5.14
C ARG A 242 2.24 16.51 3.78
N THR A 243 1.18 17.27 3.57
CA THR A 243 0.51 17.37 2.29
C THR A 243 0.87 18.71 1.69
N TYR A 244 1.30 18.72 0.42
CA TYR A 244 1.64 19.96 -0.29
C TYR A 244 0.53 20.35 -1.29
N LYS A 245 0.11 21.61 -1.32
CA LYS A 245 -0.99 22.07 -2.14
C LYS A 245 -0.49 22.90 -3.32
N ARG A 246 -1.15 22.80 -4.46
CA ARG A 246 -0.82 23.72 -5.54
C ARG A 246 -2.07 24.02 -6.37
N LEU A 247 -2.33 25.34 -6.51
CA LEU A 247 -3.46 25.79 -7.32
C LEU A 247 -3.09 25.69 -8.80
N LEU A 248 -3.95 25.01 -9.58
CA LEU A 248 -3.79 24.93 -11.02
C LEU A 248 -4.64 25.99 -11.72
N ALA A 249 -5.66 26.46 -11.02
CA ALA A 249 -6.55 27.49 -11.50
C ALA A 249 -7.30 28.07 -10.33
N ASP A 250 -7.47 29.39 -10.35
CA ASP A 250 -8.29 30.00 -9.31
C ASP A 250 -8.93 31.28 -9.81
N TYR A 251 -10.26 31.39 -9.66
CA TYR A 251 -11.04 32.55 -10.07
C TYR A 251 -12.08 32.91 -9.00
N ARG A 252 -11.72 32.71 -7.72
CA ARG A 252 -12.61 33.01 -6.61
C ARG A 252 -12.44 34.47 -6.18
N ASN A 253 -13.48 35.03 -5.53
CA ASN A 253 -13.51 36.42 -5.03
C ASN A 253 -12.22 36.94 -4.36
N GLY A 254 -8.92 41.24 -4.27
CA GLY A 254 -10.04 40.62 -5.00
C GLY A 254 -9.61 40.02 -6.34
N GLN A 255 -9.27 36.16 -3.76
CA GLN A 255 -8.10 35.34 -4.18
C GLN A 255 -7.38 36.00 -5.36
N GLN A 256 -6.05 35.88 -5.36
CA GLN A 256 -5.24 36.12 -6.54
C GLN A 256 -5.64 35.09 -7.61
N GLN A 257 -6.12 35.61 -8.75
CA GLN A 257 -6.41 34.84 -9.95
C GLN A 257 -5.17 34.02 -10.39
N VAL A 258 -5.41 32.73 -10.66
CA VAL A 258 -4.41 31.81 -11.17
C VAL A 258 -4.91 31.26 -12.50
N ASP A 259 -4.19 31.54 -13.59
CA ASP A 259 -4.51 30.96 -14.90
C ASP A 259 -3.75 29.64 -15.05
N PRO A 260 -4.32 28.59 -15.69
CA PRO A 260 -3.56 27.36 -15.89
C PRO A 260 -2.26 27.53 -16.67
N ILE A 261 -1.18 26.95 -16.12
CA ILE A 261 0.11 26.92 -16.80
C ILE A 261 -0.05 26.30 -18.18
N THR A 262 0.84 26.70 -19.08
CA THR A 262 0.88 26.15 -20.44
C THR A 262 2.23 25.49 -20.78
N THR A 263 3.12 25.44 -19.79
CA THR A 263 4.42 24.79 -19.94
C THR A 263 4.89 24.39 -18.54
N TRP A 264 5.92 23.55 -18.54
CA TRP A 264 6.46 22.97 -17.33
C TRP A 264 6.79 24.06 -16.30
N ASP A 265 6.43 23.82 -15.03
CA ASP A 265 6.61 24.76 -13.94
C ASP A 265 7.13 24.03 -12.71
N TYR A 266 8.14 24.58 -12.04
CA TYR A 266 8.80 23.94 -10.91
C TYR A 266 7.92 23.96 -9.66
N TRP A 267 7.94 22.86 -8.89
CA TRP A 267 7.26 22.74 -7.62
C TRP A 267 8.28 22.30 -6.55
N GLU A 268 8.73 23.27 -5.73
CA GLU A 268 9.66 23.02 -4.63
C GLU A 268 8.89 22.35 -3.49
N ILE A 269 9.45 21.25 -2.92
CA ILE A 269 8.81 20.47 -1.88
C ILE A 269 9.64 20.48 -0.59
N ASN A 270 10.88 19.97 -0.66
CA ASN A 270 11.84 19.80 0.43
C ASN A 270 11.23 19.02 1.60
N ALA A 271 10.83 17.78 1.33
CA ALA A 271 10.27 16.87 2.32
C ALA A 271 11.33 15.85 2.71
N GLU A 272 11.45 15.52 4.01
CA GLU A 272 12.50 14.63 4.51
C GLU A 272 11.94 13.23 4.75
N GLY A 273 12.67 12.21 4.30
CA GLY A 273 12.31 10.84 4.67
C GLY A 273 10.99 10.37 4.04
N VAL A 274 10.82 10.64 2.76
CA VAL A 274 9.66 10.22 1.99
C VAL A 274 9.91 8.84 1.42
N GLN A 275 9.07 7.86 1.78
CA GLN A 275 9.08 6.53 1.23
C GLN A 275 8.11 6.47 0.04
N SER A 276 7.00 7.22 0.11
CA SER A 276 5.97 7.10 -0.90
C SER A 276 5.17 8.40 -0.95
N VAL A 277 4.50 8.61 -2.11
CA VAL A 277 3.83 9.85 -2.43
C VAL A 277 2.48 9.47 -2.98
N LYS A 278 1.46 10.23 -2.57
CA LYS A 278 0.13 10.13 -3.16
C LYS A 278 -0.28 11.50 -3.73
N PHE A 279 -1.22 11.49 -4.66
CA PHE A 279 -1.75 12.70 -5.26
C PHE A 279 -3.24 12.71 -4.99
N ASN A 280 -3.77 13.92 -4.80
CA ASN A 280 -5.21 14.08 -4.86
C ASN A 280 -5.50 15.39 -5.61
N PHE A 281 -6.78 15.53 -6.04
CA PHE A 281 -7.30 16.80 -6.53
C PHE A 281 -8.51 17.27 -5.72
N GLU A 282 -8.55 18.57 -5.45
CA GLU A 282 -9.72 19.25 -4.93
C GLU A 282 -10.12 20.28 -5.98
N GLY A 283 -11.42 20.59 -6.06
CA GLY A 283 -11.88 21.67 -6.92
C GLY A 283 -13.35 21.99 -6.69
N SER A 284 -13.77 23.20 -7.06
CA SER A 284 -15.12 23.62 -6.75
C SER A 284 -16.15 23.20 -7.81
N ASP A 285 -15.69 22.69 -8.98
CA ASP A 285 -16.61 22.21 -10.01
C ASP A 285 -17.05 20.81 -9.59
N SER A 286 -18.07 20.71 -8.73
CA SER A 286 -18.39 19.50 -7.96
C SER A 286 -19.89 19.39 -7.63
N GLY A 287 -20.59 18.39 -8.20
CA GLY A 287 -22.02 18.23 -8.02
C GLY A 287 -22.34 17.02 -7.12
N ALA A 288 -23.47 16.37 -7.48
CA ALA A 288 -24.03 15.21 -6.82
C ALA A 288 -23.03 14.05 -6.76
N TYR A 289 -22.19 13.92 -7.82
CA TYR A 289 -21.27 12.80 -7.91
C TYR A 289 -19.82 13.22 -7.73
N GLY A 290 -19.61 14.40 -7.14
CA GLY A 290 -18.29 14.89 -6.82
C GLY A 290 -17.69 15.75 -7.94
N LEU A 291 -16.36 15.68 -8.02
CA LEU A 291 -15.51 16.52 -8.84
C LEU A 291 -15.73 16.25 -10.32
N ASN A 292 -15.91 17.32 -11.11
CA ASN A 292 -16.14 17.19 -12.54
C ASN A 292 -14.87 17.44 -13.34
N THR A 293 -13.98 18.24 -12.77
CA THR A 293 -12.78 18.62 -13.51
C THR A 293 -11.88 17.37 -13.63
N PRO A 294 -11.39 16.97 -14.84
CA PRO A 294 -10.56 15.79 -15.00
C PRO A 294 -9.37 15.76 -14.05
N ALA A 295 -9.25 14.71 -13.23
CA ALA A 295 -8.28 14.69 -12.13
C ALA A 295 -6.90 14.21 -12.57
N TYR A 296 -6.21 15.03 -13.38
CA TYR A 296 -4.96 14.65 -14.03
C TYR A 296 -3.89 15.72 -13.84
N ILE A 297 -2.63 15.31 -13.72
CA ILE A 297 -1.49 16.20 -13.88
C ILE A 297 -0.35 15.38 -14.47
N CYS A 298 0.54 16.06 -15.19
CA CYS A 298 1.78 15.48 -15.69
C CYS A 298 2.95 15.83 -14.77
N ILE A 299 3.94 14.93 -14.71
CA ILE A 299 5.06 15.10 -13.81
C ILE A 299 6.37 14.74 -14.53
N ASP A 300 7.42 15.52 -14.28
CA ASP A 300 8.73 15.21 -14.84
C ASP A 300 9.79 15.62 -13.83
N ASP A 301 10.99 15.02 -13.97
CA ASP A 301 12.21 15.55 -13.36
C ASP A 301 11.96 15.67 -11.87
N ILE A 302 11.63 14.54 -11.24
CA ILE A 302 11.57 14.46 -9.79
C ILE A 302 13.01 14.43 -9.22
N THR A 303 13.32 15.37 -8.32
CA THR A 303 14.67 15.49 -7.79
C THR A 303 14.69 14.87 -6.37
N ILE A 304 15.69 14.01 -6.12
CA ILE A 304 15.84 13.31 -4.84
C ILE A 304 17.30 13.28 -4.38
N GLN A 305 17.50 12.89 -3.11
CA GLN A 305 18.80 12.74 -2.49
C GLN A 305 18.77 11.59 -1.45
N ASN B 46 -10.88 -6.66 33.93
CA ASN B 46 -9.89 -6.71 35.06
C ASN B 46 -10.40 -5.92 36.27
N PRO B 47 -9.72 -6.00 37.46
CA PRO B 47 -10.14 -5.24 38.64
C PRO B 47 -10.16 -3.73 38.36
N ASP B 48 -9.01 -3.24 37.85
CA ASP B 48 -8.72 -1.82 37.67
C ASP B 48 -9.84 -1.12 36.89
N GLY B 49 -10.02 -1.52 35.63
CA GLY B 49 -10.74 -0.73 34.64
C GLY B 49 -10.30 -1.04 33.21
N THR B 50 -9.24 -1.85 33.05
CA THR B 50 -8.85 -2.45 31.78
C THR B 50 -9.88 -3.47 31.25
N LEU B 51 -9.75 -3.77 29.95
CA LEU B 51 -10.27 -4.94 29.27
C LEU B 51 -9.07 -5.75 28.74
N THR B 52 -9.23 -7.06 28.55
CA THR B 52 -8.26 -7.87 27.84
C THR B 52 -8.93 -8.65 26.69
N ILE B 53 -8.35 -8.55 25.49
CA ILE B 53 -8.74 -9.38 24.36
C ILE B 53 -7.88 -10.64 24.39
N THR B 54 -8.50 -11.77 24.72
CA THR B 54 -7.78 -13.00 25.02
C THR B 54 -7.88 -13.95 23.83
N PHE B 55 -8.75 -13.66 22.85
CA PHE B 55 -9.09 -14.52 21.72
C PHE B 55 -9.87 -15.78 22.11
N ASP B 56 -9.98 -16.14 23.40
CA ASP B 56 -10.45 -17.49 23.74
C ASP B 56 -11.98 -17.51 23.77
N ASP B 57 -12.67 -16.36 23.61
CA ASP B 57 -14.11 -16.24 23.42
C ASP B 57 -14.54 -16.03 21.96
N PHE B 58 -13.67 -16.30 20.98
CA PHE B 58 -14.01 -16.03 19.58
C PHE B 58 -14.76 -17.25 19.07
N ASP B 59 -15.58 -17.04 18.06
CA ASP B 59 -16.41 -18.10 17.52
C ASP B 59 -15.51 -19.23 17.01
N PRO B 60 -15.71 -20.50 17.42
CA PRO B 60 -14.93 -21.60 16.89
C PRO B 60 -14.88 -21.70 15.36
N GLY B 61 -15.97 -21.28 14.67
CA GLY B 61 -16.03 -21.33 13.23
C GLY B 61 -14.95 -20.48 12.59
N MET B 62 -14.34 -19.57 13.35
CA MET B 62 -13.24 -18.72 12.89
C MET B 62 -11.84 -19.34 13.00
N LEU B 63 -11.73 -20.54 13.58
CA LEU B 63 -10.45 -21.18 13.88
C LEU B 63 -9.81 -21.59 12.59
N ALA B 64 -8.52 -21.28 12.44
CA ALA B 64 -7.77 -21.60 11.25
C ALA B 64 -7.90 -23.08 10.89
N GLY B 65 -8.22 -23.29 9.59
CA GLY B 65 -8.46 -24.44 8.72
C GLY B 65 -8.34 -25.78 9.37
N PRO B 66 -8.81 -26.85 8.71
CA PRO B 66 -8.96 -28.16 9.35
C PRO B 66 -7.66 -28.67 9.98
N THR B 67 -6.50 -28.48 9.31
CA THR B 67 -5.17 -28.73 9.89
C THR B 67 -4.48 -27.42 10.27
N SER B 68 -3.24 -27.51 10.73
CA SER B 68 -2.44 -26.38 11.13
C SER B 68 -1.90 -25.58 9.93
N ALA B 69 -2.09 -26.07 8.70
CA ALA B 69 -1.87 -25.26 7.50
C ALA B 69 -2.92 -24.15 7.32
N GLY B 70 -4.03 -24.21 8.04
CA GLY B 70 -5.04 -23.16 7.98
C GLY B 70 -5.64 -23.02 6.59
N GLU B 71 -6.15 -24.12 6.02
CA GLU B 71 -6.59 -24.21 4.64
C GLU B 71 -7.75 -23.26 4.38
N ASN B 72 -8.58 -22.99 5.41
CA ASN B 72 -9.70 -22.05 5.33
C ASN B 72 -9.30 -20.57 5.47
N LEU B 73 -8.01 -20.23 5.40
CA LEU B 73 -7.57 -18.85 5.31
C LEU B 73 -7.47 -18.38 3.85
N TYR B 74 -7.89 -19.23 2.93
CA TYR B 74 -7.70 -19.06 1.50
C TYR B 74 -9.01 -19.39 0.78
N SER B 75 -9.25 -18.72 -0.33
CA SER B 75 -10.41 -18.92 -1.16
C SER B 75 -10.30 -20.23 -1.96
N TYR B 76 -9.13 -20.80 -2.15
CA TYR B 76 -8.97 -21.76 -3.24
C TYR B 76 -8.65 -23.20 -2.75
N GLN B 77 -8.70 -23.52 -1.47
CA GLN B 77 -8.33 -24.86 -1.04
C GLN B 77 -9.55 -25.62 -0.53
N GLY B 78 -10.76 -25.19 -0.85
CA GLY B 78 -11.96 -25.99 -0.64
C GLY B 78 -12.64 -25.85 0.73
N TYR B 79 -12.33 -24.85 1.57
CA TYR B 79 -12.99 -24.74 2.87
C TYR B 79 -13.61 -23.35 3.02
N PRO B 80 -14.68 -23.19 3.83
CA PRO B 80 -15.24 -21.86 4.06
C PRO B 80 -14.19 -20.90 4.62
N GLN B 81 -13.88 -19.83 3.88
CA GLN B 81 -12.76 -18.95 4.15
C GLN B 81 -13.10 -17.87 5.18
N VAL B 82 -12.24 -17.80 6.19
CA VAL B 82 -12.26 -16.89 7.34
C VAL B 82 -11.37 -15.71 7.02
N THR B 83 -11.94 -14.78 6.31
CA THR B 83 -11.32 -13.49 6.04
C THR B 83 -11.38 -12.57 7.26
N THR B 84 -12.37 -12.75 8.17
CA THR B 84 -12.73 -11.74 9.16
C THR B 84 -12.89 -12.37 10.54
N ILE B 85 -12.14 -11.89 11.55
CA ILE B 85 -12.32 -12.33 12.93
C ILE B 85 -12.69 -11.16 13.82
N TYR B 86 -13.38 -11.46 14.94
CA TYR B 86 -13.87 -10.46 15.87
C TYR B 86 -14.42 -11.19 17.09
N ASP B 87 -14.73 -10.46 18.16
CA ASP B 87 -15.06 -11.11 19.41
C ASP B 87 -16.56 -11.31 19.57
N ASN B 88 -17.41 -10.34 19.20
CA ASN B 88 -18.84 -10.51 19.48
C ASN B 88 -19.62 -10.63 18.17
N THR B 89 -20.07 -9.50 17.56
CA THR B 89 -20.63 -9.50 16.20
C THR B 89 -19.89 -8.45 15.35
N PRO B 90 -20.04 -8.44 14.00
CA PRO B 90 -19.38 -7.41 13.20
C PRO B 90 -19.79 -5.98 13.57
N GLU B 91 -21.01 -5.83 14.15
CA GLU B 91 -21.56 -4.57 14.63
C GLU B 91 -20.79 -4.14 15.88
N GLU B 92 -20.94 -4.89 16.97
CA GLU B 92 -20.48 -4.49 18.29
C GLU B 92 -19.44 -5.51 18.72
N TYR B 93 -18.20 -5.05 18.76
CA TYR B 93 -17.01 -5.86 18.96
C TYR B 93 -16.02 -5.02 19.77
N LEU B 94 -15.06 -5.66 20.44
CA LEU B 94 -13.95 -4.95 21.06
C LEU B 94 -12.74 -4.85 20.11
N PHE B 95 -12.56 -5.93 19.29
CA PHE B 95 -11.49 -6.17 18.34
C PHE B 95 -12.02 -6.76 17.03
N LEU B 96 -11.34 -6.45 15.93
CA LEU B 96 -11.77 -6.87 14.59
C LEU B 96 -10.57 -6.78 13.65
N SER B 97 -10.20 -7.91 13.01
CA SER B 97 -9.29 -7.92 11.87
C SER B 97 -10.01 -8.47 10.64
N MET B 98 -9.78 -7.84 9.49
CA MET B 98 -10.16 -8.27 8.18
C MET B 98 -8.87 -8.38 7.33
N PHE B 99 -8.58 -9.55 6.75
CA PHE B 99 -7.64 -9.75 5.65
C PHE B 99 -7.74 -8.65 4.62
N ASN B 100 -6.56 -8.14 4.22
CA ASN B 100 -6.41 -7.11 3.22
C ASN B 100 -6.84 -7.64 1.85
N THR B 101 -7.20 -6.71 0.94
CA THR B 101 -7.50 -7.08 -0.44
C THR B 101 -6.46 -6.43 -1.33
N VAL B 102 -5.66 -7.25 -2.02
CA VAL B 102 -4.49 -6.73 -2.70
C VAL B 102 -4.53 -7.26 -4.12
N GLY B 103 -4.50 -6.31 -5.08
CA GLY B 103 -4.85 -6.54 -6.46
C GLY B 103 -6.08 -7.44 -6.57
N GLY B 104 -7.13 -7.18 -5.78
CA GLY B 104 -8.39 -7.91 -5.98
C GLY B 104 -8.42 -9.32 -5.37
N SER B 105 -7.40 -9.70 -4.60
CA SER B 105 -7.23 -11.02 -4.02
C SER B 105 -7.27 -10.87 -2.50
N THR B 106 -8.24 -11.55 -1.86
CA THR B 106 -8.41 -11.51 -0.41
C THR B 106 -7.95 -12.83 0.21
N GLU B 107 -6.73 -12.84 0.77
CA GLU B 107 -6.14 -14.06 1.27
C GLU B 107 -5.29 -13.76 2.49
N TYR B 108 -5.04 -14.81 3.27
CA TYR B 108 -4.07 -14.71 4.36
C TYR B 108 -2.75 -14.10 3.89
N SER B 109 -2.32 -14.37 2.63
CA SER B 109 -1.08 -13.85 2.08
C SER B 109 -1.14 -12.37 1.72
N SER B 110 -2.37 -11.81 1.62
CA SER B 110 -2.56 -10.37 1.49
C SER B 110 -2.22 -9.63 2.78
N GLY B 111 -1.93 -10.36 3.85
CA GLY B 111 -1.73 -9.72 5.13
C GLY B 111 -3.04 -9.68 5.93
N GLY B 112 -2.98 -10.22 7.15
CA GLY B 112 -4.10 -10.28 8.05
C GLY B 112 -3.77 -11.12 9.28
N ILE B 113 -4.82 -11.41 10.06
CA ILE B 113 -4.63 -12.07 11.32
C ILE B 113 -5.66 -13.19 11.41
N ALA B 114 -5.13 -14.40 11.61
CA ALA B 114 -5.88 -15.64 11.77
C ALA B 114 -6.08 -15.90 13.25
N LEU B 115 -7.22 -16.53 13.62
CA LEU B 115 -7.44 -17.08 14.96
C LEU B 115 -6.98 -18.54 14.95
N SER B 116 -6.17 -18.92 15.96
CA SER B 116 -5.49 -20.21 16.01
C SER B 116 -5.64 -20.85 17.40
N ASN B 117 -5.69 -22.20 17.43
CA ASN B 117 -5.44 -22.96 18.64
C ASN B 117 -4.46 -24.09 18.40
N TRP B 118 -3.56 -23.87 17.45
CA TRP B 118 -2.53 -24.84 17.15
C TRP B 118 -1.24 -24.61 17.94
N ASN B 119 -0.51 -25.68 18.31
CA ASN B 119 0.82 -25.56 18.92
C ASN B 119 1.74 -26.74 18.54
N ILE B 120 1.69 -27.19 17.30
CA ILE B 120 2.59 -28.25 16.87
C ILE B 120 3.95 -27.62 16.59
N ARG B 121 4.99 -28.25 17.14
CA ARG B 121 6.38 -27.85 16.91
C ARG B 121 7.25 -29.08 16.67
N SER B 122 6.72 -30.08 16.00
CA SER B 122 7.49 -31.26 15.65
C SER B 122 6.73 -32.04 14.58
N ASN B 123 7.52 -32.78 13.81
CA ASN B 123 7.03 -33.58 12.71
C ASN B 123 6.00 -34.60 13.23
N GLN B 124 4.73 -34.36 12.87
CA GLN B 124 3.64 -35.30 13.10
C GLN B 124 3.79 -36.52 12.21
N SER B 125 3.07 -37.57 12.64
CA SER B 125 2.89 -38.84 11.95
C SER B 125 2.87 -38.64 10.42
N GLY B 126 3.95 -39.08 9.73
CA GLY B 126 4.02 -39.04 8.27
C GLY B 126 4.86 -37.89 7.71
N ASN B 127 4.93 -36.75 8.42
CA ASN B 127 5.72 -35.59 7.98
C ASN B 127 7.21 -35.79 8.26
N THR B 128 8.05 -35.22 7.40
CA THR B 128 9.51 -35.33 7.49
C THR B 128 10.12 -33.97 7.24
N GLY B 129 11.46 -33.92 7.36
CA GLY B 129 12.24 -32.77 6.91
C GLY B 129 11.82 -31.53 7.71
N ASP B 130 11.60 -30.41 7.01
CA ASP B 130 11.32 -29.13 7.62
C ASP B 130 9.83 -28.87 7.90
N TRP B 131 8.97 -29.89 7.83
CA TRP B 131 7.54 -29.70 7.82
C TRP B 131 7.03 -28.82 8.93
N TRP B 132 7.50 -29.09 10.15
CA TRP B 132 6.93 -28.43 11.32
C TRP B 132 7.27 -26.94 11.34
N TYR B 133 8.32 -26.53 10.64
CA TYR B 133 8.61 -25.11 10.42
C TYR B 133 8.48 -24.74 8.95
N SER B 134 7.35 -25.19 8.36
CA SER B 134 6.94 -24.88 7.01
C SER B 134 5.59 -24.20 7.08
N TYR B 135 5.22 -23.56 5.95
CA TYR B 135 3.91 -22.96 5.77
C TYR B 135 2.76 -23.93 5.98
N LEU B 136 3.02 -25.27 5.88
CA LEU B 136 1.99 -26.24 6.19
C LEU B 136 1.76 -26.40 7.68
N ASN B 137 2.59 -25.74 8.53
CA ASN B 137 2.33 -25.64 9.97
C ASN B 137 2.32 -24.17 10.41
N GLN B 138 1.94 -23.27 9.51
CA GLN B 138 2.07 -21.85 9.73
C GLN B 138 1.30 -21.40 10.97
N CYS B 139 0.22 -22.12 11.36
CA CYS B 139 -0.73 -21.61 12.35
C CYS B 139 -0.33 -22.02 13.77
N SER B 140 0.61 -22.97 13.92
CA SER B 140 1.12 -23.34 15.23
C SER B 140 2.00 -22.25 15.86
N VAL B 141 1.69 -21.97 17.15
CA VAL B 141 2.58 -21.24 18.04
C VAL B 141 3.72 -22.14 18.47
N TYR B 142 4.93 -21.57 18.54
CA TYR B 142 6.11 -22.21 19.14
C TYR B 142 6.16 -21.89 20.64
N ASN B 143 5.70 -22.81 21.52
CA ASN B 143 5.61 -22.62 22.96
C ASN B 143 6.11 -23.83 23.77
N THR B 144 7.39 -23.76 24.19
CA THR B 144 8.08 -24.87 24.85
C THR B 144 7.62 -25.03 26.29
N ALA B 145 6.86 -24.10 26.86
CA ALA B 145 6.30 -24.27 28.20
C ALA B 145 5.11 -25.25 28.26
N VAL B 146 4.80 -25.98 27.18
CA VAL B 146 3.60 -26.80 27.05
C VAL B 146 3.96 -28.08 26.30
N GLU B 147 3.77 -29.19 27.00
CA GLU B 147 4.34 -30.45 26.60
C GLU B 147 3.53 -31.04 25.44
N ALA B 148 2.17 -31.05 25.56
CA ALA B 148 1.27 -31.62 24.57
C ALA B 148 1.16 -30.69 23.36
N GLU B 149 0.93 -31.27 22.18
CA GLU B 149 1.01 -30.56 20.90
C GLU B 149 -0.20 -30.89 20.01
N GLY B 150 -0.67 -29.89 19.27
CA GLY B 150 -1.77 -30.09 18.34
C GLY B 150 -2.75 -28.95 18.54
N GLN B 151 -4.01 -29.31 18.77
CA GLN B 151 -5.10 -28.35 18.85
C GLN B 151 -5.63 -28.23 20.27
N ASN B 152 -6.11 -27.06 20.66
CA ASN B 152 -6.76 -26.87 21.94
C ASN B 152 -5.87 -27.42 23.06
N LYS B 153 -4.60 -27.05 23.12
CA LYS B 153 -3.69 -27.65 24.10
C LYS B 153 -3.21 -26.58 25.07
N GLU B 154 -4.08 -25.63 25.42
CA GLU B 154 -3.80 -24.55 26.37
C GLU B 154 -2.44 -23.92 26.13
N ALA B 155 -2.17 -23.54 24.87
CA ALA B 155 -0.83 -23.08 24.50
C ALA B 155 -0.78 -21.58 24.28
N GLY B 156 -1.89 -20.87 24.57
CA GLY B 156 -1.89 -19.43 24.51
C GLY B 156 -1.26 -18.91 25.78
N HIS B 157 -0.97 -17.58 25.83
CA HIS B 157 -0.75 -16.94 27.11
C HIS B 157 -2.03 -17.06 27.93
N SER B 158 -3.18 -16.81 27.29
CA SER B 158 -4.51 -17.16 27.80
C SER B 158 -5.01 -18.35 27.02
N GLY B 159 -5.67 -19.28 27.71
CA GLY B 159 -6.40 -20.35 27.08
C GLY B 159 -5.60 -21.03 25.96
N SER B 160 -6.34 -21.53 24.96
CA SER B 160 -5.72 -22.16 23.82
C SER B 160 -5.75 -21.27 22.58
N ASN B 161 -6.45 -20.10 22.66
CA ASN B 161 -6.58 -19.24 21.49
C ASN B 161 -5.59 -18.09 21.50
N PHE B 162 -5.21 -17.66 20.29
CA PHE B 162 -4.39 -16.50 20.02
C PHE B 162 -4.49 -16.14 18.54
N GLY B 163 -4.03 -14.93 18.21
CA GLY B 163 -4.04 -14.41 16.86
C GLY B 163 -2.71 -14.64 16.15
N VAL B 164 -2.73 -14.95 14.85
CA VAL B 164 -1.51 -15.15 14.10
C VAL B 164 -1.45 -14.10 12.98
N VAL B 165 -0.46 -13.23 13.16
CA VAL B 165 -0.22 -12.12 12.29
C VAL B 165 0.68 -12.60 11.15
N TYR B 166 0.27 -12.28 9.93
CA TYR B 166 1.10 -12.48 8.75
C TYR B 166 1.08 -11.20 7.93
N GLY B 167 2.25 -10.77 7.45
CA GLY B 167 2.36 -9.77 6.41
C GLY B 167 3.44 -8.76 6.75
N TYR B 168 4.00 -8.11 5.74
CA TYR B 168 5.09 -7.16 5.90
C TYR B 168 5.21 -6.33 4.61
N VAL B 169 5.93 -5.20 4.67
CA VAL B 169 6.20 -4.43 3.47
C VAL B 169 7.66 -4.06 3.39
N ASP B 170 8.24 -4.23 2.20
CA ASP B 170 9.53 -3.68 1.82
C ASP B 170 9.57 -3.15 0.38
N ALA B 171 10.76 -2.75 -0.09
CA ALA B 171 10.92 -2.27 -1.47
C ALA B 171 10.30 -3.17 -2.53
N TYR B 172 10.43 -4.49 -2.32
CA TYR B 172 10.02 -5.40 -3.36
C TYR B 172 8.50 -5.52 -3.50
N ASN B 173 7.69 -5.51 -2.42
CA ASN B 173 6.26 -5.76 -2.49
C ASN B 173 5.43 -4.54 -2.14
N GLN B 174 6.06 -3.39 -1.87
CA GLN B 174 5.34 -2.27 -1.28
C GLN B 174 4.24 -1.74 -2.19
N ALA B 175 4.43 -1.78 -3.52
CA ALA B 175 3.44 -1.23 -4.45
C ALA B 175 2.09 -1.96 -4.39
N TRP B 176 2.07 -3.27 -4.08
CA TRP B 176 0.83 -4.06 -4.05
C TRP B 176 0.46 -4.68 -2.72
N MET B 177 1.40 -4.97 -1.81
CA MET B 177 1.10 -5.52 -0.50
C MET B 177 0.65 -4.40 0.45
N ALA B 178 -0.07 -4.78 1.52
CA ALA B 178 -0.38 -3.94 2.67
C ALA B 178 -0.23 -4.73 3.98
N LYS B 179 -0.06 -3.98 5.08
CA LYS B 179 0.32 -4.50 6.38
C LYS B 179 -0.88 -5.13 7.10
N PRO B 180 -0.70 -6.20 7.93
CA PRO B 180 -1.81 -6.74 8.72
C PRO B 180 -2.29 -5.70 9.74
N GLU B 181 -3.61 -5.64 9.90
CA GLU B 181 -4.27 -4.61 10.67
C GLU B 181 -5.34 -5.18 11.59
N PHE B 182 -5.54 -4.51 12.73
CA PHE B 182 -6.80 -4.62 13.43
C PHE B 182 -7.28 -3.25 13.93
N TYR B 183 -8.49 -3.27 14.46
CA TYR B 183 -9.26 -2.12 14.90
C TYR B 183 -9.92 -2.42 16.23
N PHE B 184 -9.99 -1.38 17.05
CA PHE B 184 -10.88 -1.32 18.18
C PHE B 184 -12.13 -0.66 17.66
N ASN B 185 -13.24 -0.86 18.36
CA ASN B 185 -14.49 -0.16 18.04
C ASN B 185 -14.43 1.33 18.48
N VAL B 186 -13.56 1.70 19.43
CA VAL B 186 -13.43 3.10 19.88
C VAL B 186 -11.97 3.30 20.24
N PRO B 187 -11.49 4.57 20.41
CA PRO B 187 -10.09 4.81 20.75
C PRO B 187 -9.74 4.30 22.14
N ARG B 188 -8.58 3.69 22.27
CA ARG B 188 -8.24 2.96 23.50
C ARG B 188 -6.84 3.31 23.93
N LYS B 189 -6.62 3.19 25.25
CA LYS B 189 -5.27 3.14 25.79
C LYS B 189 -4.83 1.71 25.52
N LEU B 190 -3.79 1.55 24.71
CA LEU B 190 -3.23 0.24 24.46
C LEU B 190 -2.09 0.07 25.46
N VAL B 191 -2.31 -0.74 26.51
CA VAL B 191 -1.35 -0.94 27.60
C VAL B 191 -0.20 -1.78 27.06
N GLY B 192 -0.56 -2.91 26.48
CA GLY B 192 0.41 -3.86 25.99
C GLY B 192 -0.27 -5.15 25.58
N LEU B 193 0.56 -6.15 25.26
CA LEU B 193 0.12 -7.45 24.75
C LEU B 193 1.23 -8.47 24.97
N TRP B 194 0.87 -9.75 24.89
CA TRP B 194 1.85 -10.83 24.89
C TRP B 194 2.10 -11.24 23.45
N ILE B 195 3.33 -11.66 23.14
CA ILE B 195 3.71 -12.25 21.86
C ILE B 195 4.52 -13.54 22.08
N CYS B 196 4.57 -14.32 20.98
CA CYS B 196 5.27 -15.58 20.90
C CYS B 196 5.56 -15.81 19.44
N ASN B 197 6.62 -16.54 19.11
CA ASN B 197 6.84 -16.90 17.71
C ASN B 197 5.96 -18.05 17.25
N THR B 198 5.76 -18.14 15.94
CA THR B 198 5.22 -19.32 15.29
C THR B 198 6.39 -20.30 15.10
N SER B 199 6.06 -21.60 15.10
CA SER B 199 6.99 -22.67 14.84
C SER B 199 7.66 -22.47 13.47
N TYR B 200 6.88 -21.98 12.46
CA TYR B 200 7.41 -21.70 11.14
C TYR B 200 8.55 -20.69 11.24
N THR B 201 8.30 -19.54 11.90
CA THR B 201 9.26 -18.44 11.96
C THR B 201 10.46 -18.81 12.85
N TYR B 202 10.18 -19.38 14.04
CA TYR B 202 11.22 -19.90 14.93
C TYR B 202 12.14 -20.83 14.17
N GLY B 203 11.55 -21.81 13.48
CA GLY B 203 12.31 -22.89 12.87
C GLY B 203 13.26 -22.35 11.82
N VAL B 204 12.79 -21.38 10.99
CA VAL B 204 13.52 -20.88 9.82
C VAL B 204 14.63 -19.91 10.27
N ILE B 205 14.34 -19.12 11.31
CA ILE B 205 15.37 -18.37 12.02
C ILE B 205 16.49 -19.32 12.45
N THR B 206 16.10 -20.43 13.07
CA THR B 206 17.05 -21.36 13.66
C THR B 206 17.78 -22.17 12.56
N TYR B 207 17.08 -22.68 11.53
CA TYR B 207 17.63 -23.68 10.62
C TYR B 207 17.66 -23.27 9.15
N GLY B 208 16.98 -22.20 8.78
CA GLY B 208 16.84 -21.87 7.38
C GLY B 208 15.85 -22.79 6.66
N ASN B 209 15.53 -22.39 5.41
CA ASN B 209 14.79 -23.18 4.48
C ASN B 209 15.03 -22.71 3.05
N GLN B 210 14.46 -23.47 2.13
CA GLN B 210 14.34 -23.11 0.73
C GLN B 210 12.85 -22.90 0.49
N PHE B 211 12.52 -22.08 -0.52
CA PHE B 211 11.15 -21.94 -1.00
C PHE B 211 11.20 -21.55 -2.47
N GLY B 212 10.31 -22.13 -3.29
CA GLY B 212 10.32 -21.85 -4.71
C GLY B 212 11.65 -22.29 -5.33
N SER B 213 11.96 -21.77 -6.51
CA SER B 213 13.10 -22.28 -7.27
C SER B 213 14.42 -21.86 -6.64
N THR B 214 14.51 -20.60 -6.22
CA THR B 214 15.75 -19.99 -5.75
C THR B 214 15.67 -19.56 -4.29
N GLY B 215 14.49 -19.39 -3.70
CA GLY B 215 14.40 -18.68 -2.44
C GLY B 215 15.17 -19.44 -1.36
N VAL B 216 15.99 -18.71 -0.60
CA VAL B 216 16.74 -19.23 0.53
C VAL B 216 16.46 -18.32 1.71
N ALA B 217 16.25 -18.92 2.90
CA ALA B 217 16.35 -18.24 4.18
C ALA B 217 17.55 -18.81 4.91
N THR B 218 18.51 -17.96 5.31
CA THR B 218 19.74 -18.42 5.95
C THR B 218 19.59 -18.27 7.46
N PRO B 219 20.13 -19.21 8.27
CA PRO B 219 20.05 -19.11 9.71
C PRO B 219 20.64 -17.80 10.23
N LEU B 220 19.90 -17.06 11.07
CA LEU B 220 20.28 -15.69 11.37
C LEU B 220 21.55 -15.65 12.24
N LYS B 221 21.83 -16.69 13.09
CA LYS B 221 23.04 -16.76 13.91
C LYS B 221 24.30 -16.79 13.03
N GLU B 222 24.22 -17.47 11.89
CA GLU B 222 25.34 -17.75 11.01
C GLU B 222 25.67 -16.55 10.11
N MET B 223 24.62 -15.90 9.58
CA MET B 223 24.77 -14.72 8.73
C MET B 223 24.75 -13.44 9.56
N LYS B 224 24.79 -13.53 10.90
CA LYS B 224 24.85 -12.37 11.77
C LYS B 224 23.70 -11.42 11.45
N GLY B 225 22.51 -12.01 11.31
CA GLY B 225 21.31 -11.31 10.88
C GLY B 225 20.49 -10.81 12.06
N TYR B 226 19.47 -10.00 11.77
CA TYR B 226 18.43 -9.63 12.72
C TYR B 226 17.03 -9.87 12.11
N PHE B 227 16.05 -9.92 13.02
CA PHE B 227 14.64 -9.85 12.65
C PHE B 227 13.89 -9.06 13.71
N GLN B 228 12.96 -8.19 13.27
CA GLN B 228 12.29 -7.22 14.13
C GLN B 228 10.83 -7.05 13.74
N VAL B 229 9.96 -6.89 14.75
CA VAL B 229 8.57 -6.60 14.51
C VAL B 229 8.27 -5.18 14.99
N ASN B 230 7.40 -4.51 14.21
CA ASN B 230 6.95 -3.14 14.44
C ASN B 230 5.45 -3.20 14.70
N LEU B 231 5.01 -2.51 15.77
CA LEU B 231 3.61 -2.29 16.07
C LEU B 231 3.33 -0.81 15.91
N GLU B 232 2.58 -0.46 14.88
CA GLU B 232 2.20 0.90 14.57
C GLU B 232 0.78 1.16 15.08
N CYS B 233 0.62 2.17 15.94
CA CYS B 233 -0.67 2.58 16.48
C CYS B 233 -1.20 3.78 15.69
N TYR B 234 -2.49 3.74 15.30
CA TYR B 234 -3.14 4.77 14.50
C TYR B 234 -4.25 5.46 15.30
N ASP B 235 -4.49 6.73 14.97
CA ASP B 235 -5.42 7.57 15.72
C ASP B 235 -6.85 7.40 15.15
N VAL B 236 -7.78 8.21 15.64
CA VAL B 236 -9.19 8.14 15.23
C VAL B 236 -9.36 8.52 13.75
N ASN B 237 -8.44 9.35 13.23
CA ASN B 237 -8.46 9.80 11.86
C ASN B 237 -7.48 9.01 11.02
N GLY B 238 -6.94 7.88 11.55
CA GLY B 238 -6.01 7.02 10.83
C GLY B 238 -4.63 7.65 10.63
N GLY B 239 -4.22 8.55 11.51
CA GLY B 239 -2.86 9.07 11.53
C GLY B 239 -2.00 8.13 12.36
N LEU B 240 -0.75 7.97 11.93
CA LEU B 240 0.27 7.21 12.65
C LEU B 240 0.61 7.96 13.91
N ILE B 241 0.41 7.34 15.07
CA ILE B 241 0.78 7.93 16.34
C ILE B 241 2.26 7.63 16.60
N ARG B 242 2.65 6.38 16.50
CA ARG B 242 3.99 5.97 16.89
C ARG B 242 4.20 4.55 16.36
N THR B 243 5.43 4.21 15.98
CA THR B 243 5.77 2.82 15.70
C THR B 243 6.56 2.29 16.89
N TYR B 244 6.16 1.13 17.43
CA TYR B 244 6.89 0.45 18.49
C TYR B 244 7.70 -0.72 17.92
N LYS B 245 9.00 -0.81 18.25
CA LYS B 245 9.92 -1.75 17.62
C LYS B 245 10.30 -2.86 18.59
N ARG B 246 10.43 -4.09 18.08
CA ARG B 246 10.87 -5.17 18.96
C ARG B 246 11.70 -6.20 18.20
N LEU B 247 12.92 -6.44 18.70
CA LEU B 247 13.81 -7.43 18.13
C LEU B 247 13.37 -8.82 18.56
N LEU B 248 13.10 -9.71 17.58
CA LEU B 248 12.74 -11.10 17.80
C LEU B 248 13.98 -11.98 17.76
N ALA B 249 15.02 -11.51 17.05
CA ALA B 249 16.32 -12.14 17.03
C ALA B 249 17.37 -11.15 16.57
N ASP B 250 18.56 -11.13 17.15
CA ASP B 250 19.63 -10.26 16.67
C ASP B 250 21.00 -10.87 16.96
N TYR B 251 21.85 -10.95 15.93
CA TYR B 251 23.19 -11.51 16.02
C TYR B 251 24.19 -10.65 15.23
N ARG B 252 23.96 -9.33 15.23
CA ARG B 252 24.83 -8.40 14.54
C ARG B 252 26.01 -8.05 15.44
N ASN B 253 27.16 -7.77 14.82
CA ASN B 253 28.30 -7.25 15.55
C ASN B 253 27.89 -5.98 16.33
N GLY B 254 28.37 -5.89 17.57
CA GLY B 254 28.22 -4.68 18.35
C GLY B 254 26.85 -4.58 19.02
N GLN B 255 25.95 -5.55 18.78
CA GLN B 255 24.65 -5.56 19.40
C GLN B 255 24.56 -6.59 20.50
N GLN B 256 23.73 -6.29 21.50
CA GLN B 256 23.30 -7.28 22.49
C GLN B 256 22.54 -8.41 21.81
N GLN B 257 23.15 -9.61 21.73
CA GLN B 257 22.50 -10.79 21.15
C GLN B 257 21.10 -11.02 21.71
N VAL B 258 20.09 -11.09 20.80
CA VAL B 258 18.71 -11.46 21.09
C VAL B 258 18.43 -12.84 20.51
N ASP B 259 18.12 -13.81 21.37
CA ASP B 259 17.77 -15.15 20.92
C ASP B 259 16.24 -15.19 20.80
N PRO B 260 15.62 -15.89 19.82
CA PRO B 260 14.18 -15.99 19.78
C PRO B 260 13.57 -16.61 21.04
N ILE B 261 12.55 -15.96 21.53
CA ILE B 261 11.74 -16.46 22.63
C ILE B 261 11.17 -17.83 22.24
N THR B 262 10.88 -18.62 23.26
CA THR B 262 10.29 -19.94 23.13
C THR B 262 9.05 -20.04 24.02
N THR B 263 8.60 -18.92 24.61
CA THR B 263 7.26 -18.84 25.17
C THR B 263 6.81 -17.38 25.14
N TRP B 264 5.53 -17.19 25.43
CA TRP B 264 4.89 -15.89 25.52
C TRP B 264 5.70 -14.91 26.36
N ASP B 265 5.86 -13.65 25.87
CA ASP B 265 6.66 -12.58 26.48
C ASP B 265 5.98 -11.25 26.31
N TYR B 266 6.06 -10.41 27.36
CA TYR B 266 5.21 -9.23 27.46
C TYR B 266 5.76 -8.10 26.60
N TRP B 267 4.90 -7.40 25.86
CA TRP B 267 5.29 -6.20 25.12
C TRP B 267 4.46 -4.99 25.58
N GLU B 268 5.09 -4.17 26.45
CA GLU B 268 4.53 -2.95 26.98
C GLU B 268 4.54 -1.88 25.88
N ILE B 269 3.41 -1.18 25.71
CA ILE B 269 3.26 -0.17 24.68
C ILE B 269 2.96 1.22 25.28
N ASN B 270 1.85 1.34 26.02
CA ASN B 270 1.30 2.57 26.64
C ASN B 270 1.07 3.68 25.64
N ALA B 271 0.24 3.41 24.65
CA ALA B 271 -0.15 4.33 23.59
C ALA B 271 -1.53 4.89 23.89
N GLU B 272 -1.76 6.19 23.64
CA GLU B 272 -3.01 6.86 23.94
C GLU B 272 -3.88 7.07 22.70
N GLY B 273 -5.17 6.77 22.81
CA GLY B 273 -6.08 7.12 21.74
C GLY B 273 -5.90 6.33 20.44
N VAL B 274 -5.63 5.01 20.57
CA VAL B 274 -5.42 4.13 19.43
C VAL B 274 -6.75 3.58 18.92
N GLN B 275 -7.07 3.85 17.65
CA GLN B 275 -8.26 3.32 17.00
C GLN B 275 -7.95 2.03 16.24
N SER B 276 -6.71 1.88 15.76
CA SER B 276 -6.34 0.76 14.92
C SER B 276 -4.85 0.53 15.01
N VAL B 277 -4.41 -0.68 14.67
CA VAL B 277 -3.03 -1.11 14.80
C VAL B 277 -2.65 -1.80 13.49
N LYS B 278 -1.39 -1.66 13.10
CA LYS B 278 -0.84 -2.50 12.07
C LYS B 278 0.53 -2.98 12.50
N PHE B 279 1.03 -4.03 11.80
CA PHE B 279 2.29 -4.68 12.12
C PHE B 279 3.14 -4.71 10.87
N ASN B 280 4.47 -4.76 11.06
CA ASN B 280 5.41 -4.84 9.96
C ASN B 280 6.60 -5.61 10.51
N PHE B 281 7.39 -6.21 9.60
CA PHE B 281 8.66 -6.86 9.92
C PHE B 281 9.80 -6.30 9.07
N GLU B 282 10.95 -6.15 9.73
CA GLU B 282 12.20 -5.74 9.13
C GLU B 282 13.16 -6.85 9.47
N GLY B 283 14.15 -7.06 8.59
CA GLY B 283 15.20 -8.03 8.85
C GLY B 283 16.29 -7.99 7.79
N SER B 284 17.47 -8.47 8.15
CA SER B 284 18.61 -8.36 7.25
C SER B 284 18.77 -9.61 6.39
N ASP B 285 17.93 -10.66 6.53
CA ASP B 285 17.94 -11.78 5.58
C ASP B 285 17.07 -11.34 4.40
N SER B 286 17.68 -10.58 3.46
CA SER B 286 16.94 -9.89 2.40
C SER B 286 17.64 -9.86 1.02
N GLY B 287 16.97 -10.47 0.03
CA GLY B 287 17.48 -10.72 -1.30
C GLY B 287 16.80 -9.75 -2.28
N ALA B 288 16.81 -10.13 -3.56
CA ALA B 288 16.41 -9.26 -4.65
C ALA B 288 14.89 -9.07 -4.61
N TYR B 289 14.17 -10.00 -3.94
CA TYR B 289 12.72 -9.96 -3.80
C TYR B 289 12.30 -9.63 -2.37
N GLY B 290 13.21 -9.04 -1.60
CA GLY B 290 12.96 -8.65 -0.23
C GLY B 290 13.22 -9.74 0.82
N LEU B 291 12.42 -9.68 1.89
CA LEU B 291 12.70 -10.30 3.16
C LEU B 291 12.39 -11.78 3.04
N ASN B 292 13.30 -12.61 3.55
CA ASN B 292 13.16 -14.06 3.49
C ASN B 292 12.59 -14.62 4.76
N THR B 293 12.80 -13.91 5.87
CA THR B 293 12.45 -14.46 7.18
C THR B 293 10.92 -14.45 7.32
N PRO B 294 10.23 -15.58 7.62
CA PRO B 294 8.77 -15.63 7.51
C PRO B 294 8.11 -14.56 8.35
N ALA B 295 7.24 -13.69 7.75
CA ALA B 295 6.79 -12.43 8.39
C ALA B 295 5.59 -12.62 9.29
N TYR B 296 5.81 -13.34 10.41
CA TYR B 296 4.71 -13.80 11.24
C TYR B 296 5.06 -13.53 12.70
N ILE B 297 4.04 -13.17 13.51
CA ILE B 297 4.13 -13.22 14.96
C ILE B 297 2.76 -13.64 15.48
N CYS B 298 2.73 -14.25 16.67
CA CYS B 298 1.50 -14.54 17.39
C CYS B 298 1.24 -13.48 18.45
N ILE B 299 -0.04 -13.24 18.81
CA ILE B 299 -0.43 -12.21 19.77
C ILE B 299 -1.53 -12.72 20.70
N ASP B 300 -1.48 -12.39 21.99
CA ASP B 300 -2.54 -12.78 22.90
C ASP B 300 -2.64 -11.71 23.97
N ASP B 301 -3.82 -11.64 24.62
CA ASP B 301 -4.04 -10.86 25.82
C ASP B 301 -3.60 -9.43 25.54
N ILE B 302 -4.30 -8.79 24.61
CA ILE B 302 -4.16 -7.36 24.39
C ILE B 302 -4.92 -6.62 25.49
N THR B 303 -4.21 -5.72 26.22
CA THR B 303 -4.86 -4.99 27.30
C THR B 303 -5.21 -3.58 26.83
N ILE B 304 -6.47 -3.18 27.08
CA ILE B 304 -7.00 -1.89 26.63
C ILE B 304 -7.78 -1.16 27.72
N GLN B 305 -7.91 0.15 27.53
CA GLN B 305 -8.84 0.98 28.25
C GLN B 305 -9.34 2.07 27.29
CO CNC C . -15.07 8.24 -14.64
N21 CNC C . -14.70 10.04 -14.74
N22 CNC C . -13.76 7.88 -15.89
N23 CNC C . -15.43 6.47 -14.22
N24 CNC C . -16.11 8.90 -13.22
C1 CNC C . -15.59 10.95 -14.09
C20 CNC C . -16.82 11.12 -15.01
C2 CNC C . -14.73 12.25 -13.89
C25 CNC C . -15.52 13.54 -13.80
C26 CNC C . -13.78 12.17 -12.73
C27 CNC C . -12.69 13.22 -12.65
O28 CNC C . -11.57 12.96 -13.15
N29 CNC C . -13.02 14.35 -12.01
C3 CNC C . -13.87 12.20 -15.15
C30 CNC C . -14.33 12.93 -16.48
C31 CNC C . -13.75 14.38 -16.67
C32 CNC C . -14.55 15.15 -17.69
O34 CNC C . -14.80 14.72 -18.75
N33 CNC C . -15.03 16.35 -17.37
C4 CNC C . -13.74 10.68 -15.30
C5 CNC C . -12.64 10.04 -16.06
C35 CNC C . -11.51 10.94 -16.48
C6 CNC C . -12.71 8.73 -16.32
C7 CNC C . -11.66 7.94 -17.08
C36 CNC C . -11.09 8.60 -18.35
C37 CNC C . -10.51 7.68 -16.07
C38 CNC C . -9.27 7.05 -16.76
O39 CNC C . -9.40 6.05 -17.51
N40 CNC C . -8.06 7.55 -16.49
C8 CNC C . -12.49 6.65 -17.41
C41 CNC C . -13.13 6.46 -18.80
C42 CNC C . -13.70 5.08 -19.13
C43 CNC C . -12.67 3.94 -19.21
O44 CNC C . -12.54 3.01 -18.35
N45 CNC C . -11.91 4.00 -20.33
C9 CNC C . -13.56 6.75 -16.38
C10 CNC C . -14.08 5.55 -15.84
C11 CNC C . -14.85 5.43 -14.78
C12 CNC C . -15.25 4.06 -14.17
C46 CNC C . -15.36 2.92 -15.22
C47 CNC C . -14.29 3.64 -13.09
C13 CNC C . -16.53 4.52 -13.50
C48 CNC C . -17.82 4.49 -14.29
C49 CNC C . -18.91 3.77 -13.54
C50 CNC C . -19.12 2.33 -13.88
O51 CNC C . -19.82 1.73 -13.09
N52 CNC C . -18.62 1.76 -14.96
C14 CNC C . -16.30 6.00 -13.36
C15 CNC C . -17.05 6.81 -12.39
C53 CNC C . -17.92 6.03 -11.39
C16 CNC C . -16.95 8.21 -12.37
C17 CNC C . -17.71 9.16 -11.41
C54 CNC C . -17.00 9.02 -10.01
C55 CNC C . -19.22 8.92 -11.21
C56 CNC C . -20.13 8.60 -12.40
C57 CNC C . -21.59 8.61 -11.98
O58 CNC C . -22.11 7.61 -11.61
N59 CNC C . -22.25 9.73 -12.23
C18 CNC C . -17.43 10.50 -12.15
C60 CNC C . -17.40 11.83 -11.31
C61 CNC C . -18.50 12.82 -11.72
O63 CNC C . -19.35 12.39 -12.55
N62 CNC C . -18.46 14.09 -11.15
C19 CNC C . -16.26 10.13 -13.04
C1P CNC C . -23.46 9.78 -13.04
C2P CNC C . -23.35 10.69 -14.42
C3P CNC C . -21.96 11.35 -14.79
O3 CNC C . -23.90 10.20 -15.70
O4 CNC C . -25.06 8.32 -14.39
O5 CNC C . -24.82 8.28 -17.09
P CNC C . -24.33 8.64 -15.70
O2 CNC C . -22.83 8.12 -15.46
C3R CNC C . -22.04 7.31 -16.33
C2R CNC C . -20.93 8.05 -17.02
O7R CNC C . -20.55 9.18 -16.25
C1R CNC C . -19.81 7.02 -17.17
O6R CNC C . -20.02 6.06 -16.17
C4R CNC C . -21.26 6.29 -15.51
C5R CNC C . -22.04 4.99 -15.36
O8R CNC C . -22.26 4.49 -16.68
N1B CNC C . -18.45 7.60 -17.00
C8B CNC C . -17.83 8.32 -17.93
C2B CNC C . -17.68 7.54 -15.90
N3B CNC C . -16.52 8.18 -16.08
C9B CNC C . -16.56 8.71 -17.29
C4B CNC C . -15.67 9.44 -18.05
C5B CNC C . -15.89 9.86 -19.36
C5M CNC C . -14.78 10.66 -20.03
C6B CNC C . -17.19 9.50 -20.04
C6M CNC C . -17.44 9.96 -21.48
C7B CNC C . -18.13 8.71 -19.27
N1A CNC C . -12.91 7.60 -12.66
C1A CNC C . -13.77 7.91 -13.41
H201 CNC C . -17.42 10.34 -15.03
H202 CNC C . -16.54 11.28 -15.94
H203 CNC C . -17.39 11.87 -14.70
H251 CNC C . -16.18 13.52 -13.07
H252 CNC C . -16.04 13.73 -14.62
H253 CNC C . -14.94 14.34 -13.70
H261 CNC C . -13.34 11.29 -12.66
H262 CNC C . -14.33 12.26 -11.92
H291 CNC C . -13.84 14.48 -11.66
H292 CNC C . -12.40 15.01 -11.93
H3 CNC C . -12.99 12.61 -14.98
H301 CNC C . -15.32 12.97 -16.58
H302 CNC C . -14.01 12.39 -17.25
H311 CNC C . -12.81 14.30 -16.96
H312 CNC C . -13.75 14.84 -15.79
H331 CNC C . -14.87 16.71 -16.57
H332 CNC C . -15.52 16.83 -17.97
H351 CNC C . -11.67 11.25 -17.41
H352 CNC C . -10.61 10.52 -16.42
H353 CNC C . -11.41 11.74 -15.90
H361 CNC C . -10.35 9.24 -18.16
H362 CNC C . -11.81 9.08 -18.82
H363 CNC C . -10.71 7.91 -18.95
H371 CNC C . -10.82 7.06 -15.37
H372 CNC C . -10.23 8.52 -15.60
H401 CNC C . -7.98 8.25 -15.94
H402 CNC C . -7.34 7.18 -16.88
H8 CNC C . -11.93 5.86 -17.21
H411 CNC C . -12.46 6.64 -19.51
H412 CNC C . -13.85 7.13 -18.92
H421 CNC C . -14.15 5.15 -20.02
H422 CNC C . -14.42 4.84 -18.49
H451 CNC C . -12.02 4.65 -20.93
H452 CNC C . -11.28 3.38 -20.47
H10 CNC C . -13.74 4.75 -16.28
H461 CNC C . -14.49 2.73 -15.65
H462 CNC C . -15.99 3.16 -15.95
H463 CNC C . -15.67 2.09 -14.77
H471 CNC C . -14.15 4.37 -12.45
H472 CNC C . -13.43 3.42 -13.52
H473 CNC C . -14.62 2.84 -12.62
H13 CNC C . -16.60 4.03 -12.64
H481 CNC C . -17.74 4.21 -15.24
H482 CNC C . -18.22 5.40 -14.37
H491 CNC C . -19.75 4.26 -13.68
H492 CNC C . -18.77 3.79 -12.56
H521 CNC C . -18.10 2.17 -15.56
H522 CNC C . -18.79 0.87 -15.08
H531 CNC C . -18.84 5.94 -11.74
H532 CNC C . -17.96 6.47 -10.51
H533 CNC C . -17.54 5.14 -11.17
H541 CNC C . -17.42 8.33 -9.45
H542 CNC C . -17.02 9.86 -9.49
H543 CNC C . -16.05 8.77 -10.14
H551 CNC C . -19.58 9.74 -10.79
H552 CNC C . -19.40 8.21 -10.55
H561 CNC C . -19.89 7.72 -12.81
H562 CNC C . -20.01 9.28 -13.10
H59 CNC C . -21.88 10.54 -12.31
H18 CNC C . -18.18 10.56 -12.79
H601 CNC C . -16.51 12.25 -11.36
H602 CNC C . -17.58 11.67 -10.35
H621 CNC C . -17.80 14.29 -10.56
H622 CNC C . -19.08 14.70 -11.35
H1P1 CNC C . -24.21 10.16 -12.51
H1P2 CNC C . -23.66 8.82 -13.17
H2P CNC C . -23.90 11.47 -14.20
H3P1 CNC C . -21.94 11.58 -15.75
H3P2 CNC C . -21.21 10.75 -14.54
H3P3 CNC C . -21.86 12.18 -14.25
H3R CNC C . -22.61 6.87 -17.02
H2R CNC C . -21.23 8.33 -17.92
H1R CNC C . -19.89 6.60 -18.06
H4R CNC C . -21.10 6.66 -14.61
H5R1 CNC C . -22.89 5.15 -14.90
H5R2 CNC C . -21.53 4.31 -14.85
H2B CNC C . -17.96 7.11 -15.08
H4B CNC C . -14.81 9.69 -17.65
HM51 CNC C . -14.19 10.04 -20.53
HM52 CNC C . -14.26 11.12 -19.33
HM53 CNC C . -15.14 11.34 -20.65
HM61 CNC C . -16.98 9.34 -22.10
HM62 CNC C . -17.12 10.88 -21.63
HM63 CNC C . -18.41 9.94 -21.67
H7B CNC C . -18.98 8.46 -19.67
CA CA D . 11.12 13.45 -19.21
CO CNC E . 4.97 -15.50 -0.60
N21 CNC E . 6.31 -15.69 0.75
N22 CNC E . 3.85 -16.57 0.48
N23 CNC E . 3.74 -15.04 -1.89
N24 CNC E . 6.25 -14.36 -1.29
C1 CNC E . 7.64 -15.25 0.46
C20 CNC E . 8.38 -16.43 -0.25
C2 CNC E . 8.21 -14.96 1.85
C25 CNC E . 9.79 -15.07 1.95
C26 CNC E . 7.61 -13.66 2.40
C27 CNC E . 8.16 -13.39 3.79
O28 CNC E . 7.53 -13.74 4.80
N29 CNC E . 9.38 -12.78 3.81
C3 CNC E . 7.56 -16.09 2.64
C30 CNC E . 8.27 -17.46 2.94
C31 CNC E . 9.27 -17.37 4.10
C32 CNC E . 10.06 -18.66 4.12
O34 CNC E . 9.51 -19.73 4.16
N33 CNC E . 11.36 -18.62 4.12
C4 CNC E . 6.26 -16.21 1.90
C5 CNC E . 5.08 -16.77 2.51
C35 CNC E . 5.23 -17.09 3.99
C6 CNC E . 3.95 -16.93 1.79
C7 CNC E . 2.59 -17.46 2.35
C36 CNC E . 2.70 -18.62 3.35
C37 CNC E . 1.80 -16.33 3.08
C38 CNC E . 0.49 -16.67 3.85
O39 CNC E . 0.31 -16.39 5.03
N40 CNC E . -0.53 -17.26 3.19
C8 CNC E . 2.01 -17.96 0.99
C41 CNC E . 2.33 -19.40 0.57
C42 CNC E . 1.83 -19.94 -0.74
C43 CNC E . 0.40 -20.48 -0.62
O44 CNC E . -0.32 -20.17 -1.61
N45 CNC E . -0.02 -21.26 0.49
C9 CNC E . 2.72 -16.97 0.09
C10 CNC E . 2.00 -16.43 -1.06
C11 CNC E . 2.46 -15.50 -1.89
C12 CNC E . 1.59 -14.92 -2.99
C46 CNC E . 0.55 -15.89 -3.60
C47 CNC E . 0.70 -13.78 -2.52
C13 CNC E . 2.76 -14.44 -3.89
C48 CNC E . 3.08 -15.39 -5.08
C49 CNC E . 3.25 -14.84 -6.47
C50 CNC E . 2.27 -13.75 -6.73
O51 CNC E . 1.12 -14.12 -6.75
N52 CNC E . 2.72 -12.48 -6.85
C14 CNC E . 3.93 -14.34 -2.94
C15 CNC E . 5.15 -13.62 -3.25
C53 CNC E . 5.16 -12.82 -4.55
C16 CNC E . 6.20 -13.63 -2.41
C17 CNC E . 7.48 -12.84 -2.50
C54 CNC E . 7.13 -11.37 -2.12
C55 CNC E . 8.21 -12.93 -3.92
C56 CNC E . 8.62 -14.26 -4.63
C57 CNC E . 9.15 -13.98 -6.06
O58 CNC E . 8.43 -13.35 -6.86
N59 CNC E . 10.38 -14.46 -6.42
C18 CNC E . 8.38 -13.53 -1.46
C60 CNC E . 9.49 -12.76 -0.78
C61 CNC E . 10.91 -13.33 -0.97
O63 CNC E . 11.30 -14.19 -1.77
N62 CNC E . 11.80 -12.77 -0.13
C19 CNC E . 7.39 -14.29 -0.66
C1P CNC E . 10.96 -14.22 -7.76
C2P CNC E . 10.68 -15.43 -8.70
C3P CNC E . 11.36 -15.36 -10.07
O3 CNC E . 11.14 -16.63 -8.10
O4 CNC E . 9.45 -18.20 -8.85
O5 CNC E . 11.17 -18.96 -6.98
P CNC E . 10.30 -17.92 -7.65
O2 CNC E . 9.24 -17.30 -6.58
C3R CNC E . 8.15 -18.12 -6.29
C2R CNC E . 8.01 -18.64 -4.90
O7R CNC E . 8.59 -17.62 -4.11
C1R CNC E . 6.51 -18.74 -4.77
O6R CNC E . 5.97 -17.71 -5.58
C4R CNC E . 6.92 -17.32 -6.57
C5R CNC E . 6.36 -17.70 -7.94
O8R CNC E . 5.14 -16.97 -8.05
N1B CNC E . 6.19 -18.43 -3.42
C8B CNC E . 6.29 -19.28 -2.43
C2B CNC E . 5.88 -17.17 -2.94
N3B CNC E . 5.72 -17.21 -1.62
C9B CNC E . 5.98 -18.50 -1.25
C4B CNC E . 6.01 -19.14 -0.08
C5B CNC E . 6.34 -20.48 0.03
C5M CNC E . 6.33 -21.09 1.40
C6B CNC E . 6.69 -21.26 -1.17
C6M CNC E . 7.08 -22.75 -1.11
C7B CNC E . 6.67 -20.57 -2.35
N1A CNC E . 3.89 -13.11 0.74
C1A CNC E . 4.28 -14.08 0.25
H201 CNC E . 8.09 -16.51 -1.19
H202 CNC E . 8.22 -17.31 0.17
H203 CNC E . 9.35 -16.25 -0.32
H251 CNC E . 10.21 -14.47 1.28
H252 CNC E . 10.12 -15.98 1.75
H253 CNC E . 10.16 -14.84 2.83
H261 CNC E . 6.62 -13.66 2.45
H262 CNC E . 7.86 -12.91 1.82
H291 CNC E . 9.79 -12.54 3.06
H292 CNC E . 9.75 -12.60 4.61
H3 CNC E . 7.39 -15.75 3.55
H301 CNC E . 8.75 -17.78 2.15
H302 CNC E . 7.58 -18.15 3.14
H311 CNC E . 8.76 -17.29 4.95
H312 CNC E . 9.86 -16.58 4.05
H331 CNC E . 11.78 -17.82 4.09
H332 CNC E . 11.87 -19.36 4.13
H351 CNC E . 5.39 -18.06 4.11
H352 CNC E . 4.41 -16.82 4.47
H353 CNC E . 5.94 -16.60 4.48
H361 CNC E . 2.83 -18.29 4.27
H362 CNC E . 3.47 -19.20 3.12
H363 CNC E . 1.87 -19.16 3.35
H371 CNC E . 1.60 -15.61 2.43
H372 CNC E . 2.41 -15.91 3.76
H401 CNC E . -0.46 -17.49 2.32
H402 CNC E . -1.28 -17.44 3.64
H8 CNC E . 1.03 -17.80 0.93
H411 CNC E . 2.08 -20.03 1.29
H412 CNC E . 3.32 -19.46 0.53
H421 CNC E . 2.42 -20.68 -1.05
H422 CNC E . 1.85 -19.23 -1.43
H451 CNC E . 0.52 -21.47 1.16
H452 CNC E . -0.87 -21.55 0.51
H10 CNC E . 1.09 -16.78 -1.16
H461 CNC E . -0.16 -16.09 -2.95
H462 CNC E . 0.96 -16.75 -3.85
H463 CNC E . 0.13 -15.47 -4.39
H471 CNC E . 1.27 -13.10 -2.08
H472 CNC E . 0.03 -14.10 -1.87
H473 CNC E . 0.24 -13.37 -3.29
H13 CNC E . 2.50 -13.53 -4.19
H481 CNC E . 2.44 -16.13 -5.20
H482 CNC E . 3.94 -15.85 -4.88
H491 CNC E . 3.07 -15.57 -7.12
H492 CNC E . 4.18 -14.53 -6.63
H521 CNC E . 3.60 -12.29 -6.82
H522 CNC E . 2.12 -11.82 -6.98
H531 CNC E . 5.58 -13.36 -5.27
H532 CNC E . 5.63 -11.95 -4.47
H533 CNC E . 4.25 -12.54 -4.79
H541 CNC E . 6.86 -10.88 -2.95
H542 CNC E . 7.87 -10.85 -1.74
H543 CNC E . 6.38 -11.34 -1.48
H551 CNC E . 9.07 -12.47 -3.76
H552 CNC E . 7.76 -12.34 -4.57
H561 CNC E . 7.84 -14.85 -4.68
H562 CNC E . 9.33 -14.72 -4.11
H59 CNC E . 10.88 -14.91 -5.82
H18 CNC E . 8.83 -14.28 -1.95
H601 CNC E . 9.29 -12.68 0.19
H602 CNC E . 9.56 -11.84 -1.12
H621 CNC E . 11.54 -12.13 0.46
H622 CNC E . 12.66 -12.99 -0.16
H1P1 CNC E . 11.93 -14.14 -7.67
H1P2 CNC E . 10.62 -13.39 -8.17
H2P CNC E . 9.70 -15.49 -8.86
H3P1 CNC E . 11.15 -16.18 -10.58
H3P2 CNC E . 12.34 -15.30 -9.95
H3P3 CNC E . 11.03 -14.57 -10.55
H3R CNC E . 8.14 -18.93 -6.85
H2R CNC E . 8.45 -19.52 -4.80
H1R CNC E . 6.19 -19.64 -5.04
H4R CNC E . 7.11 -16.35 -6.51
H5R1 CNC E . 6.18 -18.67 -8.01
H5R2 CNC E . 6.98 -17.42 -8.67
H2B CNC E . 5.73 -16.39 -3.49
H4B CNC E . 5.79 -18.67 0.74
HM51 CNC E . 5.43 -21.46 1.59
HM52 CNC E . 6.53 -20.38 2.07
HM53 CNC E . 7.01 -21.79 1.50
HM61 CNC E . 6.25 -23.31 -1.14
HM62 CNC E . 7.59 -22.96 -0.29
HM63 CNC E . 7.64 -22.98 -1.89
H7B CNC E . 6.88 -21.06 -3.17
CA CA F . -6.15 -16.59 24.32
#